data_2ANL
#
_entry.id   2ANL
#
_cell.length_a   95.884
_cell.length_b   112.579
_cell.length_c   90.404
_cell.angle_alpha   90.00
_cell.angle_beta   90.00
_cell.angle_gamma   90.00
#
_symmetry.space_group_name_H-M   'P 21 21 2'
#
loop_
_entity.id
_entity.type
_entity.pdbx_description
1 polymer 'plasmepsin IV'
2 non-polymer (4R)-3-{(2S,3S)-2-hydroxy-3-[(3-hydroxy-2-methylbenzoyl)amino]-4-phenylbutanoyl}-5,5-dimethyl-N-(2-methylbenzyl)-1,3-thiazolidine-4-carboxamide
3 water water
#
_entity_poly.entity_id   1
_entity_poly.type   'polypeptide(L)'
_entity_poly.pdbx_seq_one_letter_code
;SENDVIELDDVANLMFYGEGEVGDNHQKFMLIFDTGSANLWVPSKKCNSIGCSTKHLYDSSKSKSYEKDGTKVEITYGSG
TVRGFFSKDLVTLGYLSLPYKFIEVTDTDDLEPLYTAAEFDGILGLGWKDLSIGSIDPIVVELKNQNKIDQALFTFYLPV
HDKHSGYLTIGGIEEKFYEGELTYEKLNHDLFWQVDLDVNFGKTSMEKANVIVDSGTSTITAPTSFINKFFKDLNVIKVP
FLPFYITTCNNKDMPTLEFKSANNTYTLEPEYYMEPLLDIDDTLCMLYILPVDIDKNTFILGDPFMRKYFTVFDYDKESI
GFAVAKN
;
_entity_poly.pdbx_strand_id   A,B
#
# COMPACT_ATOMS: atom_id res chain seq x y z
N SER A 1 -6.10 -3.57 -16.10
CA SER A 1 -6.06 -2.15 -16.62
C SER A 1 -5.32 -2.06 -17.98
N GLU A 2 -5.32 -0.85 -18.57
CA GLU A 2 -4.56 -0.60 -19.83
C GLU A 2 -3.03 -1.09 -19.72
N ASN A 3 -2.71 -1.55 -18.49
CA ASN A 3 -1.46 -2.21 -18.10
C ASN A 3 -0.75 -2.89 -19.26
N ASP A 4 0.29 -2.27 -19.80
CA ASP A 4 1.01 -2.85 -20.89
C ASP A 4 1.65 -4.14 -20.35
N VAL A 5 1.56 -5.21 -21.12
CA VAL A 5 2.21 -6.43 -20.76
C VAL A 5 3.32 -6.82 -21.73
N ILE A 6 4.51 -7.08 -21.21
CA ILE A 6 5.68 -7.39 -22.03
C ILE A 6 6.08 -8.78 -21.71
N GLU A 7 6.26 -9.62 -22.71
CA GLU A 7 6.56 -10.99 -22.44
C GLU A 7 8.01 -11.25 -22.42
N LEU A 8 8.49 -11.77 -21.29
CA LEU A 8 9.89 -12.18 -21.14
C LEU A 8 9.99 -13.61 -21.54
N ASP A 9 10.85 -13.91 -22.51
CA ASP A 9 11.01 -15.29 -22.97
C ASP A 9 12.39 -15.79 -22.66
N ASP A 10 12.47 -16.92 -21.98
CA ASP A 10 13.75 -17.43 -21.51
C ASP A 10 14.34 -18.43 -22.48
N VAL A 11 15.63 -18.73 -22.29
CA VAL A 11 16.46 -19.27 -23.36
C VAL A 11 17.54 -20.15 -22.79
N ALA A 12 17.89 -21.20 -23.54
CA ALA A 12 18.16 -22.50 -22.96
C ALA A 12 18.58 -22.38 -21.51
N ASN A 13 19.59 -21.56 -21.25
CA ASN A 13 20.07 -21.41 -19.91
C ASN A 13 18.97 -20.90 -19.02
N LEU A 14 19.26 -19.83 -18.30
CA LEU A 14 18.24 -19.24 -17.45
C LEU A 14 18.35 -17.74 -17.49
N MET A 15 18.49 -17.15 -18.68
CA MET A 15 18.32 -15.70 -18.79
C MET A 15 17.27 -15.41 -19.84
N PHE A 16 16.55 -14.32 -19.61
CA PHE A 16 15.36 -13.94 -20.40
C PHE A 16 15.58 -12.63 -21.13
N TYR A 17 14.99 -12.55 -22.31
CA TYR A 17 15.02 -11.36 -23.13
C TYR A 17 13.54 -10.87 -23.30
N GLY A 18 13.32 -9.75 -23.95
CA GLY A 18 11.95 -9.32 -24.28
C GLY A 18 11.98 -8.67 -25.65
N GLU A 19 10.86 -8.64 -26.36
CA GLU A 19 10.86 -8.00 -27.68
C GLU A 19 10.96 -6.50 -27.45
N GLY A 20 11.50 -5.80 -28.42
CA GLY A 20 11.61 -4.33 -28.34
C GLY A 20 11.71 -3.70 -29.71
N GLU A 21 10.82 -2.76 -30.01
CA GLU A 21 10.93 -2.07 -31.28
C GLU A 21 11.20 -0.61 -31.09
N VAL A 22 12.04 -0.10 -32.00
CA VAL A 22 12.32 1.33 -32.13
C VAL A 22 11.96 1.84 -33.51
N GLY A 23 11.07 2.82 -33.54
CA GLY A 23 10.86 3.57 -34.77
C GLY A 23 9.56 3.25 -35.46
N ASP A 24 9.20 4.15 -36.38
CA ASP A 24 8.03 4.00 -37.32
C ASP A 24 7.99 2.63 -37.97
N ASN A 25 9.10 2.20 -38.52
CA ASN A 25 9.06 0.96 -39.21
C ASN A 25 8.98 -0.18 -38.17
N HIS A 26 9.14 0.18 -36.88
CA HIS A 26 9.07 -0.81 -35.80
C HIS A 26 10.13 -1.89 -36.01
N GLN A 27 11.41 -1.52 -35.96
CA GLN A 27 12.45 -2.53 -35.99
C GLN A 27 12.40 -3.25 -34.64
N LYS A 28 12.41 -4.58 -34.71
CA LYS A 28 12.35 -5.48 -33.55
C LYS A 28 13.71 -5.89 -32.96
N PHE A 29 13.77 -5.99 -31.64
CA PHE A 29 15.00 -6.17 -30.95
C PHE A 29 14.82 -6.95 -29.69
N MET A 30 15.73 -7.89 -29.48
CA MET A 30 15.78 -8.65 -28.24
C MET A 30 16.61 -7.82 -27.31
N LEU A 31 16.00 -7.35 -26.24
CA LEU A 31 16.67 -6.47 -25.31
C LEU A 31 17.05 -7.22 -24.06
N ILE A 32 16.93 -6.59 -22.91
CA ILE A 32 17.21 -7.15 -21.62
C ILE A 32 16.67 -6.10 -20.69
N PHE A 33 15.63 -6.40 -19.97
CA PHE A 33 15.10 -5.40 -19.13
C PHE A 33 15.86 -5.57 -17.85
N ASP A 34 16.49 -4.48 -17.45
CA ASP A 34 17.42 -4.47 -16.37
C ASP A 34 17.23 -3.31 -15.35
N THR A 35 17.02 -3.65 -14.09
CA THR A 35 16.80 -2.66 -13.04
C THR A 35 18.12 -2.26 -12.44
N GLY A 36 19.17 -2.59 -13.18
CA GLY A 36 20.55 -2.31 -12.81
C GLY A 36 21.19 -1.22 -13.62
N SER A 37 20.82 -1.06 -14.87
CA SER A 37 21.24 0.10 -15.58
C SER A 37 20.05 1.02 -15.81
N ALA A 38 20.30 2.20 -16.36
CA ALA A 38 19.23 3.13 -16.56
C ALA A 38 19.30 3.78 -17.91
N ASN A 39 19.86 3.04 -18.86
CA ASN A 39 19.87 3.54 -20.20
C ASN A 39 19.23 2.59 -21.14
N LEU A 40 19.29 2.92 -22.40
CA LEU A 40 18.87 2.04 -23.43
C LEU A 40 19.81 2.15 -24.67
N TRP A 41 20.13 0.98 -25.19
CA TRP A 41 20.95 0.90 -26.36
C TRP A 41 20.67 -0.31 -27.22
N VAL A 42 20.92 -0.13 -28.49
CA VAL A 42 20.67 -1.11 -29.50
C VAL A 42 21.84 -1.05 -30.45
N PRO A 43 22.42 -2.18 -30.80
CA PRO A 43 23.58 -2.20 -31.67
C PRO A 43 23.25 -1.64 -33.03
N SER A 44 23.82 -0.48 -33.37
CA SER A 44 23.41 0.26 -34.57
C SER A 44 23.97 -0.37 -35.75
N LYS A 45 23.29 -0.15 -36.87
CA LYS A 45 23.68 -0.70 -38.15
C LYS A 45 25.10 -0.24 -38.48
N LYS A 46 25.40 0.99 -38.08
CA LYS A 46 26.70 1.61 -38.29
C LYS A 46 27.73 0.97 -37.35
N CYS A 47 27.60 -0.33 -37.10
CA CYS A 47 28.54 -1.06 -36.26
C CYS A 47 29.05 -2.18 -37.12
N ASN A 48 30.25 -2.65 -36.85
CA ASN A 48 30.84 -3.70 -37.68
C ASN A 48 31.65 -4.69 -36.90
N SER A 49 31.88 -4.38 -35.60
CA SER A 49 32.34 -5.35 -34.63
C SER A 49 31.70 -6.68 -34.92
N ILE A 50 32.57 -7.69 -35.05
CA ILE A 50 32.15 -9.08 -35.02
C ILE A 50 30.84 -9.19 -34.19
N GLY A 51 30.90 -8.85 -32.90
CA GLY A 51 29.73 -9.00 -32.04
C GLY A 51 28.45 -8.79 -32.84
N CYS A 52 28.38 -7.59 -33.43
CA CYS A 52 27.25 -7.07 -34.18
C CYS A 52 26.89 -7.96 -35.37
N SER A 53 27.92 -8.57 -35.98
CA SER A 53 27.80 -9.59 -37.07
C SER A 53 26.52 -10.40 -36.98
N THR A 54 26.43 -11.19 -35.93
CA THR A 54 25.27 -12.03 -35.70
C THR A 54 24.22 -11.36 -34.92
N LYS A 55 24.11 -10.05 -34.99
CA LYS A 55 23.12 -9.34 -34.15
C LYS A 55 22.18 -8.39 -34.88
N HIS A 56 20.97 -8.27 -34.36
CA HIS A 56 20.00 -7.33 -34.93
C HIS A 56 20.56 -5.94 -34.78
N LEU A 57 20.69 -5.21 -35.89
CA LEU A 57 21.23 -3.86 -35.88
C LEU A 57 20.14 -2.79 -36.21
N TYR A 58 20.25 -1.61 -35.61
CA TYR A 58 19.29 -0.54 -35.83
C TYR A 58 19.72 0.42 -36.89
N ASP A 59 18.81 0.73 -37.82
CA ASP A 59 19.14 1.65 -38.94
C ASP A 59 18.09 2.69 -39.13
N SER A 60 18.56 3.93 -39.30
CA SER A 60 17.87 5.11 -38.88
C SER A 60 17.16 5.80 -40.01
N SER A 61 17.84 5.92 -41.15
CA SER A 61 17.19 6.36 -42.35
C SER A 61 15.77 5.80 -42.30
N LYS A 62 15.66 4.48 -42.20
CA LYS A 62 14.40 3.78 -42.40
C LYS A 62 13.21 4.39 -41.72
N SER A 63 13.43 5.06 -40.61
CA SER A 63 12.35 5.74 -39.99
C SER A 63 12.38 7.22 -40.32
N LYS A 64 11.27 7.85 -39.99
CA LYS A 64 11.22 9.26 -40.03
C LYS A 64 10.36 9.60 -38.89
N SER A 65 11.05 9.53 -37.75
CA SER A 65 10.65 10.09 -36.48
C SER A 65 11.95 10.04 -35.71
N TYR A 66 12.87 9.23 -36.21
CA TYR A 66 14.29 9.49 -36.02
C TYR A 66 14.58 10.96 -35.96
N GLU A 67 14.78 11.47 -34.76
CA GLU A 67 15.44 12.77 -34.58
C GLU A 67 16.98 12.54 -34.32
N LYS A 68 17.84 13.36 -34.93
CA LYS A 68 19.31 13.18 -34.78
C LYS A 68 20.01 13.86 -33.55
N ASP A 69 21.04 13.17 -33.07
CA ASP A 69 21.80 13.61 -31.92
C ASP A 69 23.25 13.40 -32.21
N GLY A 70 23.72 12.19 -32.17
CA GLY A 70 25.11 11.96 -32.51
C GLY A 70 26.13 12.30 -31.42
N THR A 71 25.69 12.98 -30.37
CA THR A 71 26.53 13.23 -29.21
C THR A 71 27.13 11.89 -28.90
N LYS A 72 28.45 11.80 -28.82
CA LYS A 72 29.11 10.51 -28.62
C LYS A 72 29.10 10.25 -27.13
N VAL A 73 29.02 8.97 -26.76
CA VAL A 73 28.97 8.58 -25.34
C VAL A 73 29.11 7.07 -25.04
N GLU A 74 29.51 6.72 -23.82
CA GLU A 74 29.70 5.32 -23.43
C GLU A 74 29.25 4.92 -22.03
N ILE A 75 29.03 3.63 -21.90
CA ILE A 75 28.62 3.01 -20.67
C ILE A 75 29.54 1.89 -20.30
N THR A 76 29.89 1.83 -19.01
CA THR A 76 30.78 0.80 -18.47
C THR A 76 30.03 -0.07 -17.48
N TYR A 77 29.37 -1.10 -18.02
CA TYR A 77 28.67 -2.06 -17.19
C TYR A 77 29.64 -2.88 -16.39
N GLY A 78 29.11 -3.67 -15.47
CA GLY A 78 29.91 -4.53 -14.65
C GLY A 78 30.80 -5.45 -15.47
N SER A 79 30.24 -6.05 -16.53
CA SER A 79 31.01 -6.96 -17.39
C SER A 79 31.36 -6.46 -18.78
N GLY A 80 31.64 -5.17 -18.88
CA GLY A 80 32.19 -4.59 -20.11
C GLY A 80 31.93 -3.09 -20.30
N THR A 81 32.19 -2.59 -21.51
CA THR A 81 31.96 -1.20 -21.83
C THR A 81 31.56 -1.09 -23.27
N VAL A 82 30.65 -0.16 -23.55
CA VAL A 82 30.14 0.09 -24.90
C VAL A 82 30.30 1.56 -25.39
N ARG A 83 30.34 1.78 -26.72
CA ARG A 83 30.56 3.10 -27.28
C ARG A 83 29.64 3.34 -28.48
N GLY A 84 29.28 4.60 -28.72
CA GLY A 84 28.33 4.90 -29.75
C GLY A 84 27.88 6.32 -29.63
N PHE A 85 26.59 6.57 -29.74
CA PHE A 85 26.08 7.93 -29.67
C PHE A 85 24.56 8.08 -29.54
N PHE A 86 24.20 9.05 -28.71
CA PHE A 86 22.82 9.22 -28.45
C PHE A 86 22.09 9.48 -29.78
N SER A 87 20.86 8.95 -29.82
CA SER A 87 19.94 9.20 -30.89
C SER A 87 18.65 9.29 -30.15
N LYS A 88 17.62 9.86 -30.79
CA LYS A 88 16.29 9.89 -30.23
C LYS A 88 15.34 9.44 -31.35
N ASP A 89 14.66 8.29 -31.14
CA ASP A 89 13.55 7.85 -32.05
C ASP A 89 12.34 7.37 -31.27
N LEU A 90 11.51 6.57 -31.91
CA LEU A 90 10.29 6.06 -31.31
C LEU A 90 10.54 4.72 -30.71
N VAL A 91 10.32 4.62 -29.41
CA VAL A 91 10.58 3.38 -28.71
C VAL A 91 9.26 2.85 -28.22
N THR A 92 8.98 1.60 -28.55
CA THR A 92 7.67 1.04 -28.28
C THR A 92 7.72 -0.31 -27.59
N LEU A 93 6.83 -0.50 -26.64
CA LEU A 93 6.90 -1.66 -25.76
C LEU A 93 5.63 -2.47 -25.86
N GLY A 94 5.41 -2.98 -27.05
CA GLY A 94 4.23 -3.80 -27.33
C GLY A 94 3.01 -2.91 -27.45
N TYR A 95 2.20 -2.87 -26.37
CA TYR A 95 0.93 -2.09 -26.27
C TYR A 95 1.17 -0.60 -26.42
N LEU A 96 2.29 -0.13 -25.85
CA LEU A 96 2.63 1.29 -25.76
C LEU A 96 3.79 1.67 -26.68
N SER A 97 3.76 2.93 -27.15
CA SER A 97 4.81 3.50 -28.00
C SER A 97 5.37 4.67 -27.23
N LEU A 98 6.26 5.46 -27.83
CA LEU A 98 6.88 6.61 -27.18
C LEU A 98 8.19 7.03 -27.92
N PRO A 99 8.44 8.34 -28.04
CA PRO A 99 9.64 8.85 -28.66
C PRO A 99 10.65 9.01 -27.57
N TYR A 100 11.79 8.32 -27.64
CA TYR A 100 12.77 8.29 -26.54
C TYR A 100 14.21 8.46 -26.98
N LYS A 101 15.09 8.59 -25.98
CA LYS A 101 16.51 8.84 -26.17
C LYS A 101 17.29 7.62 -25.83
N PHE A 102 18.02 7.10 -26.79
CA PHE A 102 18.78 5.88 -26.59
C PHE A 102 20.17 5.97 -27.18
N ILE A 103 20.96 4.93 -26.99
CA ILE A 103 22.30 4.98 -27.56
C ILE A 103 22.39 4.10 -28.74
N GLU A 104 22.99 4.60 -29.81
CA GLU A 104 23.14 3.83 -31.03
C GLU A 104 24.50 3.26 -30.88
N VAL A 105 24.60 1.95 -30.68
CA VAL A 105 25.90 1.37 -30.39
C VAL A 105 26.68 1.08 -31.62
N THR A 106 27.95 1.45 -31.53
CA THR A 106 28.93 1.18 -32.55
C THR A 106 29.97 0.18 -32.07
N ASP A 107 30.81 0.58 -31.14
CA ASP A 107 31.91 -0.28 -30.74
C ASP A 107 31.66 -1.10 -29.48
N THR A 108 31.49 -2.40 -29.69
CA THR A 108 31.24 -3.35 -28.59
C THR A 108 32.54 -4.04 -28.16
N ASP A 109 32.99 -4.95 -29.02
CA ASP A 109 33.89 -6.01 -28.62
C ASP A 109 34.32 -5.70 -27.23
N ASP A 110 34.00 -6.53 -26.25
CA ASP A 110 34.55 -6.15 -24.93
C ASP A 110 33.62 -6.72 -23.86
N LEU A 111 32.37 -6.46 -24.25
CA LEU A 111 31.28 -6.96 -23.54
C LEU A 111 31.43 -8.30 -24.05
N GLU A 112 32.64 -8.57 -24.48
CA GLU A 112 32.84 -9.64 -25.41
C GLU A 112 33.73 -10.64 -24.73
N PRO A 113 33.11 -11.69 -24.27
CA PRO A 113 32.83 -12.83 -25.14
C PRO A 113 31.36 -13.24 -25.12
N LEU A 114 30.75 -13.21 -23.95
CA LEU A 114 29.55 -12.43 -23.77
C LEU A 114 29.05 -12.04 -25.12
N TYR A 115 29.08 -10.76 -25.40
CA TYR A 115 28.00 -10.22 -26.27
C TYR A 115 27.36 -11.14 -27.35
N THR A 116 28.16 -12.00 -27.97
CA THR A 116 27.71 -12.91 -29.05
C THR A 116 27.12 -14.18 -28.44
N ALA A 117 27.83 -14.67 -27.43
CA ALA A 117 27.44 -15.83 -26.63
C ALA A 117 25.99 -15.76 -26.08
N ALA A 118 25.50 -14.53 -25.95
CA ALA A 118 24.18 -14.26 -25.36
C ALA A 118 23.09 -13.87 -26.35
N GLU A 119 21.95 -14.51 -26.21
CA GLU A 119 20.82 -14.27 -27.09
C GLU A 119 20.27 -12.87 -26.89
N PHE A 120 21.09 -11.82 -27.03
CA PHE A 120 20.53 -10.47 -26.88
C PHE A 120 21.19 -9.39 -27.66
N ASP A 121 20.38 -8.39 -27.97
CA ASP A 121 20.80 -7.26 -28.80
C ASP A 121 21.13 -6.10 -27.92
N GLY A 122 20.13 -5.67 -27.16
CA GLY A 122 20.22 -4.44 -26.37
C GLY A 122 19.81 -4.54 -24.93
N ILE A 123 19.76 -3.39 -24.29
CA ILE A 123 19.43 -3.34 -22.90
C ILE A 123 18.53 -2.17 -22.67
N LEU A 124 17.48 -2.36 -21.94
CA LEU A 124 16.69 -1.25 -21.59
C LEU A 124 16.77 -1.20 -20.10
N GLY A 125 17.33 -0.13 -19.56
CA GLY A 125 17.51 -0.03 -18.12
C GLY A 125 16.23 0.33 -17.43
N LEU A 126 16.07 -0.07 -16.19
CA LEU A 126 14.86 0.29 -15.44
C LEU A 126 15.17 0.96 -14.06
N GLY A 127 16.37 1.51 -13.95
CA GLY A 127 16.77 2.15 -12.74
C GLY A 127 16.28 3.58 -12.67
N TRP A 128 16.81 4.31 -11.68
CA TRP A 128 16.41 5.70 -11.45
C TRP A 128 17.23 6.59 -12.36
N LYS A 129 16.86 7.88 -12.41
CA LYS A 129 17.50 8.79 -13.37
C LYS A 129 18.98 8.88 -13.11
N ASP A 130 19.36 9.17 -11.87
CA ASP A 130 20.76 9.37 -11.49
C ASP A 130 21.67 8.21 -11.83
N LEU A 131 21.09 7.08 -12.20
CA LEU A 131 21.87 5.89 -12.51
C LEU A 131 22.23 5.84 -14.01
N SER A 132 21.65 6.78 -14.72
CA SER A 132 21.76 6.81 -16.13
C SER A 132 22.83 7.78 -16.47
N ILE A 133 23.38 7.53 -17.65
CA ILE A 133 24.42 8.34 -18.26
C ILE A 133 23.79 9.32 -19.25
N GLY A 134 23.84 10.60 -18.95
CA GLY A 134 23.15 11.59 -19.76
C GLY A 134 21.82 12.00 -19.18
N SER A 135 21.57 11.59 -17.94
CA SER A 135 20.39 11.99 -17.23
C SER A 135 19.19 11.84 -18.13
N ILE A 136 18.61 10.67 -18.09
CA ILE A 136 17.44 10.38 -18.84
C ILE A 136 16.38 9.82 -17.94
N ASP A 137 15.18 10.25 -18.21
CA ASP A 137 14.06 9.95 -17.35
C ASP A 137 13.58 8.51 -17.65
N PRO A 138 13.52 7.70 -16.60
CA PRO A 138 13.10 6.30 -16.73
C PRO A 138 11.76 6.16 -17.45
N ILE A 139 11.76 5.47 -18.58
CA ILE A 139 10.56 5.36 -19.40
C ILE A 139 9.30 5.40 -18.56
N VAL A 140 9.20 4.48 -17.61
CA VAL A 140 7.96 4.28 -16.86
C VAL A 140 7.53 5.56 -16.15
N VAL A 141 8.49 6.21 -15.50
CA VAL A 141 8.30 7.58 -15.02
C VAL A 141 7.66 8.45 -16.09
N GLU A 142 7.98 8.16 -17.35
CA GLU A 142 7.73 9.10 -18.43
C GLU A 142 6.68 8.57 -19.39
N LEU A 143 5.96 7.54 -18.97
CA LEU A 143 4.68 7.19 -19.57
C LEU A 143 3.51 7.62 -18.68
N LYS A 144 3.50 7.10 -17.46
CA LYS A 144 2.77 7.74 -16.36
C LYS A 144 2.65 9.25 -16.59
N ASN A 145 3.79 9.89 -16.82
CA ASN A 145 3.81 11.34 -17.02
C ASN A 145 2.91 11.78 -18.17
N GLN A 146 3.15 11.22 -19.35
CA GLN A 146 2.29 11.47 -20.51
C GLN A 146 0.88 10.85 -20.38
N ASN A 147 0.51 10.47 -19.16
CA ASN A 147 -0.68 9.72 -18.85
C ASN A 147 -0.97 8.73 -20.00
N LYS A 148 -0.15 7.70 -20.10
CA LYS A 148 -0.42 6.63 -21.05
C LYS A 148 -0.44 5.33 -20.29
N ILE A 149 -0.40 5.40 -18.96
CA ILE A 149 -0.47 4.22 -18.09
C ILE A 149 -1.00 4.70 -16.76
N ASP A 150 -1.52 3.80 -15.95
CA ASP A 150 -2.10 4.21 -14.65
C ASP A 150 -1.07 4.88 -13.82
N GLN A 151 -0.08 4.13 -13.35
CA GLN A 151 0.98 4.74 -12.49
C GLN A 151 2.38 4.26 -12.89
N ALA A 152 3.34 4.94 -12.26
CA ALA A 152 4.75 4.69 -12.43
C ALA A 152 5.21 3.49 -11.57
N LEU A 153 5.10 2.32 -12.18
CA LEU A 153 5.70 1.13 -11.57
C LEU A 153 5.78 0.04 -12.60
N PHE A 154 6.68 -0.91 -12.36
CA PHE A 154 6.77 -2.08 -13.22
C PHE A 154 6.87 -3.38 -12.40
N THR A 155 6.37 -4.49 -12.91
CA THR A 155 6.46 -5.72 -12.16
C THR A 155 7.17 -6.77 -12.92
N PHE A 156 7.97 -7.50 -12.17
CA PHE A 156 8.75 -8.58 -12.70
C PHE A 156 8.22 -9.87 -12.21
N TYR A 157 7.57 -10.63 -13.14
CA TYR A 157 7.02 -11.92 -12.76
C TYR A 157 7.85 -13.01 -13.43
N LEU A 158 8.39 -13.85 -12.54
CA LEU A 158 9.27 -14.93 -12.93
C LEU A 158 8.90 -16.36 -12.53
N PRO A 159 9.13 -17.30 -13.43
CA PRO A 159 8.56 -18.64 -13.27
C PRO A 159 9.59 -19.72 -12.94
N VAL A 160 10.34 -20.11 -13.96
CA VAL A 160 11.15 -21.30 -13.99
C VAL A 160 11.46 -21.49 -15.50
N HIS A 161 11.76 -22.71 -15.92
CA HIS A 161 12.25 -22.92 -17.28
C HIS A 161 11.28 -23.54 -18.28
N ASP A 162 11.49 -24.82 -18.59
CA ASP A 162 10.51 -25.65 -19.27
C ASP A 162 9.09 -25.25 -18.88
N LYS A 163 8.94 -24.72 -17.67
CA LYS A 163 7.64 -24.49 -17.08
C LYS A 163 6.80 -23.53 -17.92
N HIS A 164 7.24 -22.28 -17.99
CA HIS A 164 6.39 -21.20 -18.50
C HIS A 164 7.22 -19.99 -18.92
N SER A 165 6.68 -18.80 -18.68
CA SER A 165 7.15 -17.60 -19.36
C SER A 165 7.22 -16.39 -18.42
N GLY A 166 8.28 -15.60 -18.57
CA GLY A 166 8.49 -14.43 -17.75
C GLY A 166 7.55 -13.31 -18.16
N TYR A 167 7.32 -12.38 -17.24
CA TYR A 167 6.35 -11.32 -17.55
C TYR A 167 6.64 -10.01 -16.86
N LEU A 168 7.01 -9.05 -17.69
CA LEU A 168 7.22 -7.71 -17.24
C LEU A 168 5.97 -6.95 -17.44
N THR A 169 5.40 -6.40 -16.38
CA THR A 169 4.18 -5.61 -16.51
C THR A 169 4.39 -4.18 -16.09
N ILE A 170 3.98 -3.26 -16.94
CA ILE A 170 4.03 -1.82 -16.61
C ILE A 170 2.63 -1.14 -16.41
N GLY A 171 2.49 -0.48 -15.27
CA GLY A 171 1.24 0.19 -14.95
C GLY A 171 0.34 -0.42 -13.88
N GLY A 172 0.63 -1.66 -13.43
CA GLY A 172 -0.21 -2.26 -12.41
C GLY A 172 0.14 -3.61 -11.82
N ILE A 173 -0.28 -3.81 -10.56
CA ILE A 173 -0.17 -5.08 -9.92
C ILE A 173 -1.27 -5.98 -10.50
N GLU A 174 -0.87 -7.14 -10.98
CA GLU A 174 -1.79 -8.12 -11.43
C GLU A 174 -1.73 -9.29 -10.50
N GLU A 175 -2.82 -9.56 -9.80
CA GLU A 175 -2.80 -10.61 -8.79
C GLU A 175 -2.64 -12.02 -9.40
N LYS A 176 -2.99 -12.11 -10.69
CA LYS A 176 -2.71 -13.28 -11.46
C LYS A 176 -1.33 -13.78 -11.28
N PHE A 177 -0.47 -13.05 -10.57
CA PHE A 177 0.96 -13.38 -10.48
C PHE A 177 1.46 -13.84 -9.12
N TYR A 178 0.79 -13.47 -8.04
CA TYR A 178 1.36 -13.78 -6.73
C TYR A 178 0.39 -14.46 -5.73
N GLU A 179 0.98 -14.99 -4.67
CA GLU A 179 0.24 -15.58 -3.57
C GLU A 179 0.58 -14.97 -2.22
N GLY A 180 -0.43 -14.81 -1.38
CA GLY A 180 -0.24 -14.11 -0.13
C GLY A 180 -0.47 -12.62 -0.38
N GLU A 181 -0.05 -11.88 0.64
CA GLU A 181 -0.16 -10.43 0.67
C GLU A 181 1.28 -9.80 0.43
N LEU A 182 1.34 -8.63 -0.22
CA LEU A 182 2.63 -8.00 -0.55
C LEU A 182 3.14 -7.23 0.67
N THR A 183 4.45 -7.15 0.74
CA THR A 183 5.14 -6.36 1.73
C THR A 183 6.04 -5.46 0.89
N TYR A 184 6.39 -4.31 1.44
CA TYR A 184 7.20 -3.39 0.73
C TYR A 184 8.37 -3.01 1.55
N GLU A 185 9.37 -2.50 0.83
CA GLU A 185 10.54 -1.93 1.42
C GLU A 185 10.75 -0.64 0.71
N LYS A 186 11.08 0.40 1.48
CA LYS A 186 11.38 1.69 0.90
C LYS A 186 12.87 1.79 0.54
N LEU A 187 13.06 2.33 -0.65
CA LEU A 187 14.36 2.44 -1.15
C LEU A 187 15.17 3.24 -0.17
N ASN A 188 16.41 2.80 0.12
CA ASN A 188 17.38 3.60 0.90
C ASN A 188 17.95 4.73 0.04
N HIS A 189 17.79 4.63 -1.27
CA HIS A 189 18.21 5.64 -2.23
C HIS A 189 17.54 5.46 -3.60
N ASP A 190 17.48 6.51 -4.37
CA ASP A 190 16.89 6.42 -5.66
C ASP A 190 17.93 6.37 -6.73
N LEU A 191 18.68 5.29 -6.70
CA LEU A 191 19.65 5.10 -7.71
C LEU A 191 19.32 3.79 -8.36
N PHE A 192 19.73 2.71 -7.70
CA PHE A 192 19.32 1.39 -8.04
C PHE A 192 18.00 1.30 -7.37
N TRP A 193 17.40 0.11 -7.40
CA TRP A 193 16.30 -0.16 -6.54
C TRP A 193 16.88 -0.75 -5.24
N GLN A 194 17.57 0.07 -4.49
CA GLN A 194 18.27 -0.40 -3.35
C GLN A 194 17.43 -0.20 -2.12
N VAL A 195 17.48 -1.19 -1.22
CA VAL A 195 16.81 -1.17 0.06
C VAL A 195 17.69 -1.74 1.20
N ASP A 196 17.46 -1.24 2.41
CA ASP A 196 18.11 -1.71 3.60
C ASP A 196 17.42 -3.01 4.08
N LEU A 197 18.26 -4.02 4.33
CA LEU A 197 17.87 -5.34 4.79
C LEU A 197 19.00 -6.01 5.56
N ASP A 198 18.61 -6.77 6.58
CA ASP A 198 19.52 -7.59 7.38
C ASP A 198 19.54 -8.96 6.83
N VAL A 199 20.70 -9.52 6.67
CA VAL A 199 20.91 -10.62 5.77
C VAL A 199 21.62 -11.75 6.47
N ASN A 200 21.07 -12.95 6.38
CA ASN A 200 21.82 -14.11 6.86
C ASN A 200 21.99 -15.05 5.71
N PHE A 201 23.18 -15.54 5.60
CA PHE A 201 23.38 -16.62 4.73
C PHE A 201 23.56 -17.75 5.65
N GLY A 202 22.44 -18.41 5.95
CA GLY A 202 22.43 -19.54 6.86
C GLY A 202 22.99 -19.08 8.17
N LYS A 203 24.25 -19.48 8.44
CA LYS A 203 24.93 -19.21 9.72
C LYS A 203 25.61 -17.85 9.79
N THR A 204 26.46 -17.60 8.80
CA THR A 204 27.20 -16.37 8.70
C THR A 204 26.34 -15.19 8.24
N SER A 205 26.41 -14.08 8.96
CA SER A 205 25.54 -12.95 8.70
C SER A 205 26.12 -11.53 8.74
N MET A 206 25.36 -10.60 8.20
CA MET A 206 25.77 -9.23 8.11
C MET A 206 24.52 -8.43 8.32
N GLU A 207 24.61 -7.46 9.19
CA GLU A 207 23.48 -6.61 9.46
C GLU A 207 23.51 -5.26 8.71
N LYS A 208 22.32 -4.89 8.25
CA LYS A 208 22.00 -3.58 7.68
C LYS A 208 22.70 -3.43 6.34
N ALA A 209 22.72 -4.50 5.56
CA ALA A 209 23.33 -4.45 4.26
C ALA A 209 22.47 -3.61 3.28
N ASN A 210 23.05 -3.36 2.11
CA ASN A 210 22.46 -2.66 1.03
C ASN A 210 22.22 -3.63 -0.07
N VAL A 211 20.98 -3.88 -0.37
CA VAL A 211 20.65 -4.90 -1.26
C VAL A 211 19.91 -4.32 -2.40
N ILE A 212 20.04 -4.98 -3.53
CA ILE A 212 19.47 -4.48 -4.73
C ILE A 212 19.13 -5.56 -5.73
N VAL A 213 18.21 -5.17 -6.55
CA VAL A 213 17.31 -6.09 -7.09
C VAL A 213 17.55 -5.89 -8.53
N ASP A 214 18.16 -6.88 -9.17
CA ASP A 214 18.74 -6.70 -10.47
C ASP A 214 18.14 -7.67 -11.48
N SER A 215 17.11 -7.23 -12.19
CA SER A 215 16.51 -8.09 -13.15
C SER A 215 17.48 -8.55 -14.21
N GLY A 216 18.59 -7.81 -14.38
CA GLY A 216 19.54 -8.07 -15.46
C GLY A 216 20.44 -9.26 -15.29
N THR A 217 20.98 -9.46 -14.09
CA THR A 217 21.90 -10.57 -13.79
C THR A 217 21.20 -11.82 -13.40
N SER A 218 21.88 -12.93 -13.56
CA SER A 218 21.35 -14.20 -13.17
C SER A 218 22.04 -14.74 -11.93
N THR A 219 22.58 -13.88 -11.11
CA THR A 219 23.27 -14.38 -9.95
C THR A 219 22.91 -13.57 -8.74
N ILE A 220 23.48 -14.00 -7.62
CA ILE A 220 23.27 -13.39 -6.33
C ILE A 220 24.66 -13.16 -5.90
N THR A 221 24.92 -12.02 -5.31
CA THR A 221 26.28 -11.72 -4.94
C THR A 221 26.37 -11.09 -3.57
N ALA A 222 27.59 -11.03 -3.07
CA ALA A 222 27.85 -10.42 -1.77
C ALA A 222 29.34 -10.24 -1.60
N PRO A 223 29.72 -9.35 -0.71
CA PRO A 223 31.12 -9.09 -0.41
C PRO A 223 31.87 -10.36 -0.21
N THR A 224 33.05 -10.43 -0.79
CA THR A 224 33.83 -11.67 -0.77
C THR A 224 34.07 -12.22 0.64
N SER A 225 34.58 -11.35 1.49
CA SER A 225 34.67 -11.59 2.90
C SER A 225 33.46 -12.36 3.40
N PHE A 226 32.30 -11.78 3.28
CA PHE A 226 31.04 -12.42 3.70
C PHE A 226 30.88 -13.82 3.14
N ILE A 227 31.35 -14.02 1.92
CA ILE A 227 31.21 -15.32 1.31
C ILE A 227 32.16 -16.24 1.98
N ASN A 228 33.45 -16.01 1.81
CA ASN A 228 34.42 -16.93 2.39
C ASN A 228 33.96 -17.68 3.61
N LYS A 229 33.46 -16.92 4.57
CA LYS A 229 32.96 -17.50 5.80
C LYS A 229 31.91 -18.56 5.52
N PHE A 230 30.97 -18.21 4.64
CA PHE A 230 29.85 -19.05 4.14
C PHE A 230 30.34 -20.24 3.32
N PHE A 231 31.01 -19.98 2.22
CA PHE A 231 31.41 -21.06 1.39
C PHE A 231 32.13 -22.10 2.19
N LYS A 232 33.21 -21.70 2.86
CA LYS A 232 33.96 -22.61 3.72
C LYS A 232 33.07 -23.47 4.61
N ASP A 233 31.99 -22.87 5.14
CA ASP A 233 30.99 -23.59 5.99
C ASP A 233 30.58 -24.90 5.31
N LEU A 234 30.01 -24.79 4.10
CA LEU A 234 29.50 -25.95 3.34
C LEU A 234 30.47 -26.41 2.27
N ASN A 235 31.75 -26.22 2.52
CA ASN A 235 32.80 -26.81 1.72
C ASN A 235 32.58 -26.90 0.21
N VAL A 236 32.63 -25.73 -0.45
CA VAL A 236 32.35 -25.60 -1.89
C VAL A 236 33.59 -25.75 -2.71
N ILE A 237 33.46 -26.03 -3.99
CA ILE A 237 34.65 -26.30 -4.83
C ILE A 237 34.80 -25.38 -6.01
N LYS A 238 35.78 -24.51 -5.98
CA LYS A 238 35.93 -23.56 -7.07
C LYS A 238 36.96 -24.00 -8.08
N VAL A 239 36.50 -24.57 -9.17
CA VAL A 239 37.41 -25.11 -10.15
C VAL A 239 37.85 -23.88 -10.88
N PRO A 240 39.15 -23.64 -10.99
CA PRO A 240 39.65 -22.46 -11.72
C PRO A 240 38.82 -22.19 -12.97
N PHE A 241 39.19 -22.78 -14.10
CA PHE A 241 38.56 -22.45 -15.38
C PHE A 241 37.07 -22.20 -15.36
N LEU A 242 36.32 -23.02 -14.67
CA LEU A 242 34.89 -22.73 -14.62
C LEU A 242 34.59 -21.64 -13.58
N PRO A 243 33.78 -20.66 -13.98
CA PRO A 243 33.46 -19.45 -13.15
C PRO A 243 32.34 -19.61 -12.12
N PHE A 244 32.05 -20.81 -11.67
CA PHE A 244 30.98 -21.05 -10.67
C PHE A 244 31.43 -22.10 -9.61
N TYR A 245 30.87 -21.99 -8.43
CA TYR A 245 31.31 -22.84 -7.36
C TYR A 245 30.38 -24.03 -7.41
N ILE A 246 30.92 -25.22 -7.29
CA ILE A 246 30.08 -26.38 -7.46
C ILE A 246 29.97 -26.96 -6.12
N THR A 247 29.12 -27.98 -5.94
CA THR A 247 28.76 -28.51 -4.62
C THR A 247 27.63 -29.50 -4.68
N THR A 248 27.45 -30.32 -3.66
CA THR A 248 26.49 -31.43 -3.69
C THR A 248 25.14 -30.87 -3.48
N CYS A 249 24.15 -31.33 -4.20
CA CYS A 249 22.83 -30.66 -4.16
C CYS A 249 22.06 -31.10 -2.95
N ASN A 250 22.03 -32.42 -2.80
CA ASN A 250 21.42 -33.17 -1.63
C ASN A 250 22.18 -32.95 -0.29
N ASN A 251 22.87 -31.82 -0.19
CA ASN A 251 23.76 -31.55 0.95
C ASN A 251 22.93 -31.64 2.20
N LYS A 252 22.91 -32.82 2.79
CA LYS A 252 22.43 -32.99 4.15
C LYS A 252 22.91 -31.70 4.79
N ASP A 253 21.98 -30.92 5.29
CA ASP A 253 22.32 -29.69 6.00
C ASP A 253 22.22 -28.63 4.84
N MET A 254 21.03 -28.05 4.66
CA MET A 254 20.88 -27.02 3.63
C MET A 254 20.26 -25.73 4.13
N PRO A 255 21.13 -24.73 4.16
CA PRO A 255 20.80 -23.42 4.63
C PRO A 255 19.97 -22.64 3.69
N THR A 256 19.08 -21.84 4.26
CA THR A 256 18.33 -20.92 3.48
C THR A 256 18.92 -19.51 3.57
N LEU A 257 18.52 -18.63 2.67
CA LEU A 257 19.07 -17.29 2.69
C LEU A 257 18.02 -16.34 3.23
N GLU A 258 18.37 -15.67 4.32
CA GLU A 258 17.47 -14.74 5.03
C GLU A 258 17.68 -13.28 4.63
N PHE A 259 16.58 -12.60 4.40
CA PHE A 259 16.61 -11.20 4.13
C PHE A 259 15.54 -10.56 5.01
N LYS A 260 16.00 -9.84 6.02
CA LYS A 260 15.14 -9.30 7.04
C LYS A 260 14.89 -7.77 6.95
N SER A 261 13.60 -7.46 6.84
CA SER A 261 13.10 -6.12 6.98
C SER A 261 12.93 -5.97 8.46
N ALA A 262 12.67 -4.73 8.87
CA ALA A 262 12.27 -4.49 10.24
C ALA A 262 11.17 -5.56 10.61
N ASN A 263 10.08 -5.59 9.85
CA ASN A 263 8.96 -6.50 10.16
C ASN A 263 8.54 -7.46 9.03
N ASN A 264 9.41 -7.66 8.04
CA ASN A 264 9.17 -8.64 7.00
C ASN A 264 10.36 -9.51 7.00
N THR A 265 10.21 -10.67 6.39
CA THR A 265 11.32 -11.59 6.34
C THR A 265 11.24 -12.33 5.03
N TYR A 266 12.31 -12.29 4.25
CA TYR A 266 12.33 -12.87 2.93
C TYR A 266 13.33 -13.98 2.93
N THR A 267 12.96 -15.18 2.48
CA THR A 267 13.91 -16.30 2.54
C THR A 267 14.03 -16.95 1.20
N LEU A 268 15.18 -17.58 1.00
CA LEU A 268 15.49 -18.25 -0.25
C LEU A 268 16.02 -19.58 0.11
N GLU A 269 15.26 -20.63 -0.23
CA GLU A 269 15.60 -22.03 0.06
C GLU A 269 16.86 -22.41 -0.74
N PRO A 270 17.43 -23.57 -0.47
CA PRO A 270 18.61 -23.98 -1.23
C PRO A 270 18.31 -24.31 -2.69
N GLU A 271 17.09 -24.69 -2.98
CA GLU A 271 16.72 -25.01 -4.32
C GLU A 271 16.60 -23.80 -5.23
N TYR A 272 16.57 -22.59 -4.69
CA TYR A 272 16.38 -21.40 -5.54
C TYR A 272 17.70 -20.76 -5.93
N TYR A 273 18.79 -21.41 -5.52
CA TYR A 273 20.12 -20.94 -5.82
C TYR A 273 21.01 -21.95 -6.50
N MET A 274 20.54 -23.16 -6.65
CA MET A 274 21.39 -24.24 -7.05
C MET A 274 20.92 -24.87 -8.33
N GLU A 275 21.83 -25.50 -9.05
CA GLU A 275 21.44 -26.12 -10.30
C GLU A 275 22.28 -27.36 -10.48
N PRO A 276 21.67 -28.52 -10.61
CA PRO A 276 22.42 -29.64 -11.16
C PRO A 276 23.54 -29.04 -11.98
N LEU A 277 24.53 -29.83 -12.35
CA LEU A 277 25.64 -29.31 -13.12
C LEU A 277 25.43 -29.56 -14.58
N LEU A 278 24.56 -30.51 -14.90
CA LEU A 278 25.01 -31.80 -15.43
C LEU A 278 23.86 -32.80 -15.48
N ASP A 279 22.67 -32.28 -15.30
CA ASP A 279 21.66 -32.54 -16.30
C ASP A 279 21.37 -34.01 -16.61
N ILE A 280 21.81 -34.90 -15.81
CA ILE A 280 21.67 -36.34 -16.01
C ILE A 280 21.54 -36.87 -14.59
N ASP A 281 22.14 -36.16 -13.64
CA ASP A 281 22.27 -36.66 -12.28
C ASP A 281 22.48 -35.51 -11.29
N ASP A 282 21.83 -35.61 -10.13
CA ASP A 282 21.67 -34.46 -9.24
C ASP A 282 22.66 -34.53 -8.08
N THR A 283 23.85 -35.06 -8.34
CA THR A 283 24.86 -35.21 -7.32
C THR A 283 25.57 -33.89 -7.04
N LEU A 284 26.10 -33.28 -8.09
CA LEU A 284 26.79 -32.01 -7.97
C LEU A 284 25.94 -30.88 -8.46
N CYS A 285 26.15 -29.71 -7.89
CA CYS A 285 25.34 -28.58 -8.18
C CYS A 285 26.22 -27.39 -8.41
N MET A 286 25.69 -26.46 -9.17
CA MET A 286 26.30 -25.21 -9.44
C MET A 286 25.53 -24.19 -8.59
N LEU A 287 26.22 -23.36 -7.83
CA LEU A 287 25.59 -22.28 -7.04
C LEU A 287 25.40 -20.98 -7.80
N TYR A 288 24.38 -20.21 -7.48
CA TYR A 288 24.23 -18.90 -8.13
C TYR A 288 24.81 -17.72 -7.38
N ILE A 289 25.61 -18.01 -6.37
CA ILE A 289 26.21 -17.03 -5.53
C ILE A 289 27.62 -16.77 -5.95
N LEU A 290 28.03 -15.51 -5.95
CA LEU A 290 29.37 -15.12 -6.38
C LEU A 290 29.86 -13.94 -5.61
N PRO A 291 31.12 -13.95 -5.25
CA PRO A 291 31.68 -12.84 -4.54
C PRO A 291 32.03 -11.70 -5.45
N VAL A 292 31.43 -10.54 -5.17
CA VAL A 292 31.67 -9.31 -5.86
C VAL A 292 31.80 -8.20 -4.83
N ASP A 293 32.74 -7.29 -5.09
CA ASP A 293 33.06 -6.21 -4.16
C ASP A 293 32.65 -4.81 -4.56
N ILE A 294 31.34 -4.57 -4.63
CA ILE A 294 30.83 -3.24 -4.96
C ILE A 294 31.21 -2.27 -3.87
N ASP A 295 30.58 -2.50 -2.77
CA ASP A 295 30.81 -1.82 -1.61
C ASP A 295 31.11 -2.90 -0.63
N LYS A 296 30.90 -2.56 0.58
CA LYS A 296 31.32 -3.36 1.71
C LYS A 296 30.06 -3.90 2.39
N ASN A 297 28.93 -3.47 1.88
CA ASN A 297 27.66 -3.80 2.45
C ASN A 297 26.63 -3.89 1.35
N THR A 298 27.05 -4.22 0.13
CA THR A 298 26.20 -4.22 -1.04
C THR A 298 26.11 -5.56 -1.60
N PHE A 299 24.88 -5.99 -1.71
CA PHE A 299 24.47 -7.26 -2.29
C PHE A 299 23.63 -7.03 -3.54
N ILE A 300 23.38 -8.10 -4.28
CA ILE A 300 22.61 -8.01 -5.51
C ILE A 300 21.72 -9.21 -5.65
N LEU A 301 20.43 -8.97 -5.88
CA LEU A 301 19.49 -10.06 -6.06
C LEU A 301 18.91 -10.14 -7.46
N GLY A 302 19.36 -11.15 -8.20
CA GLY A 302 18.95 -11.37 -9.57
C GLY A 302 17.92 -12.46 -9.65
N ASP A 303 17.69 -12.93 -10.86
CA ASP A 303 16.64 -13.89 -11.14
C ASP A 303 16.29 -14.80 -9.99
N PRO A 304 17.30 -15.40 -9.38
CA PRO A 304 17.08 -16.40 -8.34
C PRO A 304 16.05 -16.03 -7.31
N PHE A 305 16.08 -14.81 -6.85
CA PHE A 305 15.05 -14.27 -5.99
C PHE A 305 13.71 -14.20 -6.73
N MET A 306 13.67 -13.41 -7.80
CA MET A 306 12.46 -13.11 -8.55
C MET A 306 11.79 -14.33 -9.13
N ARG A 307 12.57 -15.38 -9.34
CA ARG A 307 11.98 -16.68 -9.61
C ARG A 307 10.99 -17.02 -8.49
N LYS A 308 11.33 -16.73 -7.25
CA LYS A 308 10.46 -17.05 -6.13
C LYS A 308 9.50 -15.91 -5.80
N TYR A 309 9.98 -14.67 -5.81
CA TYR A 309 9.14 -13.56 -5.41
C TYR A 309 8.81 -12.67 -6.54
N PHE A 310 7.51 -12.61 -6.81
CA PHE A 310 6.94 -11.60 -7.70
C PHE A 310 7.31 -10.30 -7.07
N THR A 311 8.02 -9.48 -7.82
CA THR A 311 8.49 -8.24 -7.28
C THR A 311 7.86 -7.09 -7.97
N VAL A 312 7.64 -6.04 -7.18
CA VAL A 312 6.99 -4.81 -7.62
C VAL A 312 7.82 -3.59 -7.36
N PHE A 313 7.98 -2.76 -8.37
CA PHE A 313 8.81 -1.54 -8.29
C PHE A 313 7.94 -0.35 -8.46
N ASP A 314 7.88 0.52 -7.47
CA ASP A 314 7.00 1.68 -7.58
C ASP A 314 7.71 3.00 -7.55
N TYR A 315 7.84 3.65 -8.70
CA TYR A 315 8.56 4.89 -8.74
C TYR A 315 8.04 5.90 -7.74
N ASP A 316 6.80 6.40 -7.93
CA ASP A 316 6.13 7.35 -6.99
C ASP A 316 6.16 6.87 -5.55
N LYS A 317 5.71 5.67 -5.31
CA LYS A 317 5.73 5.14 -3.99
C LYS A 317 7.18 5.07 -3.44
N GLU A 318 8.14 5.37 -4.31
CA GLU A 318 9.56 5.35 -3.96
C GLU A 318 9.91 4.12 -3.13
N SER A 319 9.39 2.99 -3.60
CA SER A 319 9.60 1.73 -2.91
C SER A 319 9.37 0.51 -3.81
N ILE A 320 9.69 -0.64 -3.23
CA ILE A 320 9.54 -1.89 -3.90
C ILE A 320 8.79 -2.92 -3.07
N GLY A 321 7.85 -3.55 -3.76
CA GLY A 321 7.00 -4.56 -3.21
C GLY A 321 7.51 -5.96 -3.47
N PHE A 322 7.28 -6.79 -2.49
CA PHE A 322 7.65 -8.15 -2.54
C PHE A 322 6.44 -9.01 -2.25
N ALA A 323 6.42 -10.17 -2.90
CA ALA A 323 5.43 -11.20 -2.59
C ALA A 323 5.72 -12.44 -3.44
N VAL A 324 5.29 -13.59 -2.88
CA VAL A 324 5.52 -14.93 -3.45
C VAL A 324 4.75 -15.12 -4.74
N ALA A 325 5.38 -15.68 -5.75
CA ALA A 325 4.74 -15.65 -7.06
C ALA A 325 3.95 -16.91 -7.24
N LYS A 326 3.00 -16.87 -8.17
CA LYS A 326 2.21 -18.06 -8.56
C LYS A 326 3.11 -19.05 -9.24
N ASN A 327 3.54 -20.07 -8.45
CA ASN A 327 4.43 -21.20 -8.91
C ASN A 327 5.85 -20.83 -9.38
N SER B 1 -9.51 7.24 37.19
CA SER B 1 -9.38 8.73 37.41
C SER B 1 -10.77 9.44 37.25
N GLU B 2 -10.77 10.76 37.52
CA GLU B 2 -11.99 11.59 37.33
C GLU B 2 -12.62 11.39 35.86
N ASN B 3 -11.87 10.58 35.06
CA ASN B 3 -12.24 10.07 33.74
C ASN B 3 -13.76 10.00 33.52
N ASP B 4 -14.30 10.96 32.79
CA ASP B 4 -15.71 10.96 32.53
C ASP B 4 -16.00 9.71 31.69
N VAL B 5 -17.06 9.00 32.03
CA VAL B 5 -17.47 7.86 31.25
C VAL B 5 -18.84 8.07 30.60
N ILE B 6 -18.90 7.87 29.28
CA ILE B 6 -20.12 8.09 28.52
C ILE B 6 -20.55 6.79 27.98
N GLU B 7 -21.80 6.43 28.18
CA GLU B 7 -22.23 5.12 27.76
C GLU B 7 -22.82 5.14 26.40
N LEU B 8 -22.24 4.35 25.50
CA LEU B 8 -22.76 4.19 24.14
C LEU B 8 -23.71 3.04 24.15
N ASP B 9 -24.95 3.28 23.74
CA ASP B 9 -25.95 2.23 23.72
C ASP B 9 -26.38 1.91 22.30
N ASP B 10 -26.28 0.64 21.93
CA ASP B 10 -26.54 0.25 20.55
C ASP B 10 -27.96 -0.20 20.35
N VAL B 11 -28.37 -0.30 19.09
CA VAL B 11 -29.78 -0.25 18.71
C VAL B 11 -30.03 -1.06 17.47
N ALA B 12 -31.20 -1.68 17.41
CA ALA B 12 -31.34 -3.02 16.89
C ALA B 12 -30.20 -3.37 15.95
N ASN B 13 -30.00 -2.53 14.94
CA ASN B 13 -28.96 -2.79 13.97
C ASN B 13 -27.62 -2.84 14.66
N LEU B 14 -26.68 -2.08 14.15
CA LEU B 14 -25.37 -2.04 14.78
C LEU B 14 -24.84 -0.64 14.75
N MET B 15 -25.64 0.36 15.11
CA MET B 15 -25.10 1.70 15.34
C MET B 15 -25.51 2.14 16.73
N PHE B 16 -24.61 2.92 17.35
CA PHE B 16 -24.73 3.32 18.76
C PHE B 16 -24.88 4.83 18.88
N TYR B 17 -25.65 5.22 19.88
CA TYR B 17 -25.86 6.61 20.22
C TYR B 17 -25.31 6.85 21.66
N GLY B 18 -25.33 8.08 22.15
CA GLY B 18 -24.96 8.32 23.55
C GLY B 18 -25.86 9.42 24.08
N GLU B 19 -26.07 9.49 25.39
CA GLU B 19 -26.92 10.56 25.92
C GLU B 19 -26.16 11.86 25.79
N GLY B 20 -26.88 12.96 25.70
CA GLY B 20 -26.25 14.29 25.61
C GLY B 20 -27.18 15.39 26.07
N GLU B 21 -26.74 16.18 27.05
CA GLU B 21 -27.58 17.29 27.45
C GLU B 21 -26.93 18.61 27.19
N VAL B 22 -27.78 19.56 26.79
CA VAL B 22 -27.41 20.96 26.62
C VAL B 22 -28.24 21.86 27.51
N GLY B 23 -27.56 22.61 28.36
CA GLY B 23 -28.22 23.70 29.06
C GLY B 23 -28.49 23.42 30.52
N ASP B 24 -28.78 24.50 31.25
CA ASP B 24 -29.24 24.49 32.67
C ASP B 24 -30.33 23.47 32.91
N ASN B 25 -31.34 23.49 32.09
CA ASN B 25 -32.43 22.60 32.35
C ASN B 25 -31.98 21.16 31.99
N HIS B 26 -30.81 21.05 31.36
CA HIS B 26 -30.26 19.75 30.97
C HIS B 26 -31.24 19.03 30.04
N GLN B 27 -31.49 19.59 28.85
CA GLN B 27 -32.28 18.87 27.87
C GLN B 27 -31.42 17.72 27.37
N LYS B 28 -32.03 16.52 27.34
CA LYS B 28 -31.38 15.27 26.92
C LYS B 28 -31.52 14.93 25.42
N PHE B 29 -30.46 14.39 24.85
CA PHE B 29 -30.37 14.20 23.44
C PHE B 29 -29.56 12.99 23.09
N MET B 30 -30.07 12.22 22.15
CA MET B 30 -29.35 11.09 21.59
C MET B 30 -28.51 11.67 20.50
N LEU B 31 -27.21 11.58 20.66
CA LEU B 31 -26.28 12.18 19.70
C LEU B 31 -25.66 11.10 18.84
N ILE B 32 -24.38 11.25 18.54
CA ILE B 32 -23.62 10.32 17.76
C ILE B 32 -22.23 10.85 17.92
N PHE B 33 -21.38 10.10 18.60
CA PHE B 33 -20.07 10.61 18.79
C PHE B 33 -19.32 10.14 17.59
N ASP B 34 -18.76 11.11 16.89
CA ASP B 34 -18.16 10.90 15.61
C ASP B 34 -16.76 11.54 15.43
N THR B 35 -15.76 10.74 15.12
CA THR B 35 -14.40 11.22 14.95
C THR B 35 -14.17 11.62 13.51
N GLY B 36 -15.29 11.78 12.82
CA GLY B 36 -15.34 12.15 11.41
C GLY B 36 -15.80 13.57 11.19
N SER B 37 -16.67 14.09 12.01
CA SER B 37 -16.94 15.49 11.95
C SER B 37 -16.35 16.18 13.15
N ALA B 38 -16.42 17.51 13.17
CA ALA B 38 -15.85 18.24 14.27
C ALA B 38 -16.75 19.33 14.75
N ASN B 39 -18.04 19.11 14.58
CA ASN B 39 -18.98 20.06 15.10
C ASN B 39 -19.94 19.40 16.03
N LEU B 40 -20.89 20.18 16.48
CA LEU B 40 -21.99 19.68 17.22
C LEU B 40 -23.30 20.39 16.85
N TRP B 41 -24.34 19.59 16.72
CA TRP B 41 -25.64 20.09 16.42
C TRP B 41 -26.77 19.24 16.97
N VAL B 42 -27.86 19.91 17.24
CA VAL B 42 -29.03 19.34 17.83
C VAL B 42 -30.20 19.96 17.13
N PRO B 43 -31.16 19.16 16.69
CA PRO B 43 -32.30 19.68 15.96
C PRO B 43 -33.11 20.63 16.81
N SER B 44 -33.12 21.90 16.45
CA SER B 44 -33.69 22.94 17.32
C SER B 44 -35.15 22.90 17.24
N LYS B 45 -35.76 23.38 18.31
CA LYS B 45 -37.20 23.42 18.42
C LYS B 45 -37.80 24.22 17.26
N LYS B 46 -37.04 25.26 16.88
CA LYS B 46 -37.43 26.14 15.79
C LYS B 46 -37.24 25.41 14.45
N CYS B 47 -37.51 24.10 14.42
CA CYS B 47 -37.42 23.31 13.21
C CYS B 47 -38.79 22.69 13.03
N ASN B 48 -39.16 22.40 11.81
CA ASN B 48 -40.48 21.84 11.56
C ASN B 48 -40.50 20.81 10.47
N SER B 49 -39.36 20.66 9.78
CA SER B 49 -39.09 19.51 8.93
C SER B 49 -39.65 18.28 9.60
N ILE B 50 -40.48 17.57 8.81
CA ILE B 50 -40.87 16.21 9.13
C ILE B 50 -39.78 15.56 10.01
N GLY B 51 -38.55 15.42 9.47
CA GLY B 51 -37.48 14.74 10.20
C GLY B 51 -37.65 14.99 11.71
N CYS B 52 -37.63 16.30 12.04
CA CYS B 52 -37.67 16.82 13.39
C CYS B 52 -38.92 16.38 14.15
N SER B 53 -40.03 16.24 13.42
CA SER B 53 -41.33 15.68 13.92
C SER B 53 -41.14 14.68 15.03
N THR B 54 -40.54 13.54 14.69
CA THR B 54 -40.29 12.48 15.64
C THR B 54 -39.01 12.61 16.32
N LYS B 55 -38.48 13.82 16.51
CA LYS B 55 -37.16 13.97 17.10
C LYS B 55 -37.07 14.93 18.29
N HIS B 56 -36.15 14.63 19.20
CA HIS B 56 -35.93 15.51 20.34
C HIS B 56 -35.42 16.84 19.81
N LEU B 57 -36.11 17.93 20.15
CA LEU B 57 -35.73 19.25 19.71
C LEU B 57 -35.21 20.14 20.87
N TYR B 58 -34.26 21.03 20.56
CA TYR B 58 -33.68 21.91 21.57
C TYR B 58 -34.33 23.25 21.63
N ASP B 59 -34.69 23.69 22.83
CA ASP B 59 -35.38 25.01 23.00
C ASP B 59 -34.75 25.83 24.06
N SER B 60 -34.56 27.10 23.74
CA SER B 60 -33.47 27.91 24.27
C SER B 60 -33.91 28.82 25.37
N SER B 61 -35.06 29.46 25.19
CA SER B 61 -35.67 30.19 26.27
C SER B 61 -35.37 29.39 27.54
N LYS B 62 -35.78 28.13 27.56
CA LYS B 62 -35.80 27.32 28.77
C LYS B 62 -34.58 27.41 29.63
N SER B 63 -33.45 27.65 29.01
CA SER B 63 -32.27 27.85 29.80
C SER B 63 -31.94 29.34 29.94
N LYS B 64 -31.04 29.58 30.86
CA LYS B 64 -30.49 30.87 30.97
C LYS B 64 -29.08 30.61 31.32
N SER B 65 -28.38 30.26 30.25
CA SER B 65 -26.94 30.24 30.14
C SER B 65 -26.76 30.15 28.64
N TYR B 66 -27.82 29.76 27.95
CA TYR B 66 -28.04 30.19 26.60
C TYR B 66 -27.49 31.58 26.34
N GLU B 67 -26.33 31.64 25.72
CA GLU B 67 -25.89 32.88 25.08
C GLU B 67 -26.29 32.86 23.57
N LYS B 68 -26.76 33.99 23.03
CA LYS B 68 -27.21 34.06 21.61
C LYS B 68 -26.12 34.35 20.52
N ASP B 69 -26.36 33.75 19.34
CA ASP B 69 -25.47 33.86 18.22
C ASP B 69 -26.29 34.05 16.99
N GLY B 70 -26.92 33.02 16.50
CA GLY B 70 -27.78 33.19 15.34
C GLY B 70 -27.07 33.30 13.99
N THR B 71 -25.74 33.44 14.01
CA THR B 71 -24.94 33.41 12.80
C THR B 71 -25.44 32.19 12.07
N LYS B 72 -25.86 32.33 10.84
CA LYS B 72 -26.43 31.20 10.10
C LYS B 72 -25.28 30.42 9.53
N VAL B 73 -25.45 29.10 9.41
CA VAL B 73 -24.40 28.23 8.89
C VAL B 73 -24.81 26.76 8.60
N GLU B 74 -24.06 26.07 7.75
CA GLU B 74 -24.36 24.68 7.37
C GLU B 74 -23.18 23.73 7.22
N ILE B 75 -23.52 22.46 7.33
CA ILE B 75 -22.60 21.38 7.22
C ILE B 75 -23.05 20.38 6.18
N THR B 76 -22.11 19.92 5.36
CA THR B 76 -22.37 18.95 4.30
C THR B 76 -21.64 17.66 4.58
N TYR B 77 -22.27 16.79 5.35
CA TYR B 77 -21.73 15.49 5.65
C TYR B 77 -21.72 14.63 4.41
N GLY B 78 -21.07 13.48 4.53
CA GLY B 78 -21.01 12.54 3.43
C GLY B 78 -22.38 12.16 2.90
N SER B 79 -23.32 11.90 3.82
CA SER B 79 -24.70 11.52 3.41
C SER B 79 -25.79 12.54 3.64
N GLY B 80 -25.44 13.81 3.46
CA GLY B 80 -26.43 14.90 3.45
C GLY B 80 -25.89 16.28 3.81
N THR B 81 -26.80 17.23 4.07
CA THR B 81 -26.43 18.58 4.44
C THR B 81 -27.47 19.13 5.38
N VAL B 82 -27.01 19.91 6.36
CA VAL B 82 -27.89 20.53 7.36
C VAL B 82 -27.75 22.07 7.46
N ARG B 83 -28.80 22.76 7.93
CA ARG B 83 -28.83 24.22 8.00
C ARG B 83 -29.42 24.70 9.32
N GLY B 84 -28.98 25.87 9.79
CA GLY B 84 -29.41 26.34 11.08
C GLY B 84 -28.57 27.51 11.48
N PHE B 85 -28.14 27.53 12.73
CA PHE B 85 -27.34 28.66 13.21
C PHE B 85 -26.64 28.47 14.57
N PHE B 86 -25.43 28.98 14.62
CA PHE B 86 -24.67 28.80 15.79
C PHE B 86 -25.43 29.36 16.98
N SER B 87 -25.26 28.67 18.11
CA SER B 87 -25.75 29.12 19.39
C SER B 87 -24.65 28.70 20.30
N LYS B 88 -24.61 29.25 21.50
CA LYS B 88 -23.66 28.83 22.51
C LYS B 88 -24.47 28.64 23.81
N ASP B 89 -24.52 27.39 24.32
CA ASP B 89 -25.10 27.12 25.68
C ASP B 89 -24.22 26.18 26.46
N LEU B 90 -24.80 25.51 27.45
CA LEU B 90 -24.08 24.62 28.33
C LEU B 90 -24.21 23.21 27.83
N VAL B 91 -23.08 22.61 27.52
CA VAL B 91 -23.08 21.28 26.96
C VAL B 91 -22.43 20.36 27.97
N THR B 92 -23.11 19.29 28.31
CA THR B 92 -22.66 18.44 29.40
C THR B 92 -22.65 16.96 29.04
N LEU B 93 -21.61 16.28 29.48
CA LEU B 93 -21.36 14.92 29.04
C LEU B 93 -21.35 13.97 30.22
N GLY B 94 -22.49 13.89 30.87
CA GLY B 94 -22.65 13.03 32.03
C GLY B 94 -21.97 13.67 33.24
N TYR B 95 -20.77 13.15 33.56
CA TYR B 95 -19.94 13.59 34.72
C TYR B 95 -19.54 15.06 34.60
N LEU B 96 -19.24 15.47 33.37
CA LEU B 96 -18.69 16.81 33.07
C LEU B 96 -19.73 17.71 32.37
N SER B 97 -19.59 19.03 32.62
CA SER B 97 -20.45 20.05 32.01
C SER B 97 -19.51 20.94 31.23
N LEU B 98 -20.00 22.04 30.66
CA LEU B 98 -19.19 22.97 29.88
C LEU B 98 -20.10 23.86 28.98
N PRO B 99 -19.75 25.16 28.84
CA PRO B 99 -20.48 26.06 27.99
C PRO B 99 -19.83 26.00 26.65
N TYR B 100 -20.57 25.61 25.59
CA TYR B 100 -19.98 25.37 24.27
C TYR B 100 -20.78 25.95 23.12
N LYS B 101 -20.19 25.88 21.92
CA LYS B 101 -20.74 26.43 20.69
C LYS B 101 -21.21 25.34 19.81
N PHE B 102 -22.48 25.36 19.49
CA PHE B 102 -23.07 24.31 18.68
C PHE B 102 -24.00 24.86 17.63
N ILE B 103 -24.54 24.00 16.79
CA ILE B 103 -25.45 24.50 15.78
C ILE B 103 -26.84 24.14 16.13
N GLU B 104 -27.76 25.10 16.01
CA GLU B 104 -29.15 24.86 16.31
C GLU B 104 -29.73 24.54 14.98
N VAL B 105 -30.12 23.29 14.76
CA VAL B 105 -30.55 22.90 13.45
C VAL B 105 -31.98 23.23 13.18
N THR B 106 -32.19 23.77 12.00
CA THR B 106 -33.50 24.08 11.48
C THR B 106 -33.86 23.18 10.31
N ASP B 107 -33.20 23.37 9.18
CA ASP B 107 -33.59 22.63 7.99
C ASP B 107 -32.77 21.39 7.71
N THR B 108 -33.42 20.25 7.89
CA THR B 108 -32.79 18.92 7.66
C THR B 108 -33.14 18.39 6.29
N ASP B 109 -34.40 17.95 6.17
CA ASP B 109 -34.80 17.01 5.15
C ASP B 109 -33.63 16.88 4.23
N ASP B 110 -33.04 15.69 4.11
CA ASP B 110 -31.95 15.66 3.10
C ASP B 110 -30.96 14.58 3.52
N LEU B 111 -30.77 14.73 4.85
CA LEU B 111 -29.99 13.81 5.56
C LEU B 111 -31.01 12.80 5.57
N GLU B 112 -31.91 12.94 4.60
CA GLU B 112 -33.20 12.33 4.75
C GLU B 112 -33.34 11.34 3.63
N PRO B 113 -33.16 10.09 4.00
CA PRO B 113 -34.26 9.33 4.55
C PRO B 113 -33.92 8.66 5.88
N LEU B 114 -32.70 8.15 5.98
CA LEU B 114 -31.82 8.57 7.05
C LEU B 114 -32.64 9.33 8.05
N TYR B 115 -32.36 10.62 8.17
CA TYR B 115 -32.51 11.21 9.53
C TYR B 115 -33.58 10.65 10.49
N THR B 116 -34.73 10.24 9.98
CA THR B 116 -35.85 9.71 10.78
C THR B 116 -35.66 8.23 11.04
N ALA B 117 -35.24 7.54 9.97
CA ALA B 117 -34.90 6.12 9.98
C ALA B 117 -33.91 5.73 11.11
N ALA B 118 -33.14 6.69 11.56
CA ALA B 118 -32.07 6.48 12.55
C ALA B 118 -32.38 6.99 13.95
N GLU B 119 -32.14 6.15 14.92
CA GLU B 119 -32.39 6.48 16.31
C GLU B 119 -31.46 7.59 16.79
N PHE B 120 -31.43 8.74 16.13
CA PHE B 120 -30.57 9.82 16.62
C PHE B 120 -31.02 11.21 16.36
N ASP B 121 -30.60 12.09 17.26
CA ASP B 121 -30.98 13.49 17.23
C ASP B 121 -29.88 14.30 16.62
N GLY B 122 -28.72 14.23 17.26
CA GLY B 122 -27.57 15.08 16.92
C GLY B 122 -26.26 14.38 16.73
N ILE B 123 -25.23 15.20 16.58
CA ILE B 123 -23.92 14.67 16.34
C ILE B 123 -22.95 15.50 17.12
N LEU B 124 -22.03 14.86 17.78
CA LEU B 124 -21.02 15.59 18.41
C LEU B 124 -19.76 15.11 17.77
N GLY B 125 -19.06 16.00 17.08
CA GLY B 125 -17.86 15.59 16.35
C GLY B 125 -16.70 15.44 17.27
N LEU B 126 -15.75 14.59 16.93
CA LEU B 126 -14.55 14.42 17.75
C LEU B 126 -13.23 14.60 16.96
N GLY B 127 -13.33 15.28 15.83
CA GLY B 127 -12.16 15.49 15.02
C GLY B 127 -11.37 16.68 15.49
N TRP B 128 -10.41 17.09 14.64
CA TRP B 128 -9.52 18.20 14.96
C TRP B 128 -10.20 19.51 14.59
N LYS B 129 -9.59 20.63 15.00
CA LYS B 129 -10.25 21.93 14.82
C LYS B 129 -10.50 22.19 13.35
N ASP B 130 -9.46 22.07 12.53
CA ASP B 130 -9.52 22.37 11.10
C ASP B 130 -10.60 21.62 10.35
N LEU B 131 -11.18 20.61 10.99
CA LEU B 131 -12.20 19.77 10.35
C LEU B 131 -13.61 20.34 10.60
N SER B 132 -13.64 21.34 11.44
CA SER B 132 -14.86 21.91 11.89
C SER B 132 -15.10 23.11 11.08
N ILE B 133 -16.40 23.43 11.02
CA ILE B 133 -16.94 24.58 10.33
C ILE B 133 -17.16 25.71 11.33
N GLY B 134 -16.39 26.79 11.20
CA GLY B 134 -16.46 27.86 12.18
C GLY B 134 -15.34 27.77 13.19
N SER B 135 -14.37 26.90 12.93
CA SER B 135 -13.20 26.79 13.76
C SER B 135 -13.62 26.76 15.21
N ILE B 136 -13.86 25.55 15.69
CA ILE B 136 -14.22 25.35 17.05
C ILE B 136 -13.32 24.31 17.65
N ASP B 137 -12.96 24.58 18.89
CA ASP B 137 -11.97 23.78 19.56
C ASP B 137 -12.64 22.49 20.08
N PRO B 138 -12.06 21.36 19.70
CA PRO B 138 -12.61 20.05 20.09
C PRO B 138 -12.80 19.94 21.59
N ILE B 139 -14.04 19.72 22.02
CA ILE B 139 -14.38 19.69 23.44
C ILE B 139 -13.21 19.18 24.27
N VAL B 140 -12.75 17.98 23.96
CA VAL B 140 -11.78 17.30 24.81
C VAL B 140 -10.50 18.13 24.96
N VAL B 141 -10.01 18.66 23.85
CA VAL B 141 -8.98 19.70 23.88
C VAL B 141 -9.33 20.77 24.92
N GLU B 142 -10.61 21.02 25.10
CA GLU B 142 -11.07 22.23 25.78
C GLU B 142 -11.74 21.89 27.12
N LEU B 143 -11.55 20.66 27.58
CA LEU B 143 -11.77 20.33 28.97
C LEU B 143 -10.43 20.17 29.71
N LYS B 144 -9.60 19.26 29.24
CA LYS B 144 -8.17 19.31 29.50
C LYS B 144 -7.71 20.74 29.75
N ASN B 145 -8.02 21.63 28.82
CA ASN B 145 -7.61 23.03 28.92
C ASN B 145 -8.10 23.67 30.21
N GLN B 146 -9.41 23.63 30.43
CA GLN B 146 -9.99 24.14 31.69
C GLN B 146 -9.65 23.26 32.91
N ASN B 147 -8.65 22.39 32.76
CA ASN B 147 -8.30 21.37 33.71
C ASN B 147 -9.56 20.84 34.39
N LYS B 148 -10.35 20.08 33.65
CA LYS B 148 -11.49 19.41 34.23
C LYS B 148 -11.38 17.93 33.90
N ILE B 149 -10.23 17.52 33.36
CA ILE B 149 -9.95 16.12 33.04
C ILE B 149 -8.45 15.97 33.03
N ASP B 150 -7.96 14.77 33.16
CA ASP B 150 -6.49 14.56 33.21
C ASP B 150 -5.86 15.06 31.96
N GLN B 151 -6.11 14.38 30.83
CA GLN B 151 -5.50 14.82 29.55
C GLN B 151 -6.51 14.80 28.40
N ALA B 152 -6.03 15.38 27.30
CA ALA B 152 -6.75 15.46 26.05
C ALA B 152 -6.68 14.14 25.25
N LEU B 153 -7.63 13.27 25.55
CA LEU B 153 -7.81 12.08 24.72
C LEU B 153 -9.16 11.48 25.02
N PHE B 154 -9.64 10.67 24.06
CA PHE B 154 -10.87 9.94 24.28
C PHE B 154 -10.74 8.48 23.82
N THR B 155 -11.46 7.56 24.45
CA THR B 155 -11.35 6.18 24.02
C THR B 155 -12.67 5.62 23.64
N PHE B 156 -12.60 4.83 22.59
CA PHE B 156 -13.76 4.19 22.05
C PHE B 156 -13.69 2.74 22.30
N TYR B 157 -14.57 2.27 23.22
CA TYR B 157 -14.57 0.84 23.54
C TYR B 157 -15.87 0.24 23.00
N LEU B 158 -15.65 -0.75 22.13
CA LEU B 158 -16.72 -1.43 21.43
C LEU B 158 -16.83 -2.94 21.56
N PRO B 159 -18.06 -3.42 21.69
CA PRO B 159 -18.27 -4.82 22.09
C PRO B 159 -18.78 -5.74 20.98
N VAL B 160 -20.06 -5.58 20.67
CA VAL B 160 -20.85 -6.50 19.91
C VAL B 160 -22.31 -6.08 20.19
N HIS B 161 -23.28 -6.98 20.04
CA HIS B 161 -24.68 -6.58 20.11
C HIS B 161 -25.44 -6.97 21.37
N ASP B 162 -26.30 -7.98 21.25
CA ASP B 162 -26.87 -8.67 22.40
C ASP B 162 -25.89 -8.70 23.56
N LYS B 163 -24.60 -8.69 23.24
CA LYS B 163 -23.56 -8.95 24.23
C LYS B 163 -23.59 -7.92 25.36
N HIS B 164 -23.30 -6.67 25.03
CA HIS B 164 -23.00 -5.66 26.04
C HIS B 164 -23.14 -4.25 25.48
N SER B 165 -22.28 -3.35 25.93
CA SER B 165 -22.52 -1.92 25.79
C SER B 165 -21.26 -1.15 25.41
N GLY B 166 -21.43 -0.18 24.51
CA GLY B 166 -20.33 0.64 24.04
C GLY B 166 -19.90 1.63 25.10
N TYR B 167 -18.66 2.11 24.99
CA TYR B 167 -18.17 3.01 26.03
C TYR B 167 -17.15 4.01 25.54
N LEU B 168 -17.58 5.25 25.56
CA LEU B 168 -16.73 6.36 25.23
C LEU B 168 -16.16 6.90 26.49
N THR B 169 -14.85 6.89 26.62
CA THR B 169 -14.21 7.43 27.82
C THR B 169 -13.35 8.62 27.51
N ILE B 170 -13.54 9.70 28.25
CA ILE B 170 -12.70 10.91 28.11
C ILE B 170 -11.77 11.19 29.36
N GLY B 171 -10.49 11.36 29.07
CA GLY B 171 -9.53 11.61 30.11
C GLY B 171 -8.56 10.50 30.50
N GLY B 172 -8.78 9.26 30.03
CA GLY B 172 -7.87 8.19 30.38
C GLY B 172 -8.04 6.81 29.79
N ILE B 173 -6.92 6.10 29.67
CA ILE B 173 -6.93 4.71 29.29
C ILE B 173 -7.41 3.90 30.49
N GLU B 174 -8.43 3.09 30.27
CA GLU B 174 -8.88 2.19 31.27
C GLU B 174 -8.60 0.79 30.81
N GLU B 175 -7.74 0.09 31.53
CA GLU B 175 -7.32 -1.24 31.09
C GLU B 175 -8.48 -2.27 31.13
N LYS B 176 -9.47 -1.95 31.94
CA LYS B 176 -10.70 -2.69 31.95
C LYS B 176 -11.23 -2.95 30.59
N PHE B 177 -10.62 -2.37 29.54
CA PHE B 177 -11.16 -2.44 28.18
C PHE B 177 -10.37 -3.26 27.18
N TYR B 178 -9.09 -3.45 27.39
CA TYR B 178 -8.28 -4.11 26.35
C TYR B 178 -7.39 -5.26 26.83
N GLU B 179 -6.91 -6.02 25.85
CA GLU B 179 -5.97 -7.11 26.09
C GLU B 179 -4.69 -6.97 25.27
N GLY B 180 -3.57 -7.33 25.88
CA GLY B 180 -2.30 -7.10 25.24
C GLY B 180 -1.81 -5.70 25.61
N GLU B 181 -0.80 -5.31 24.85
CA GLU B 181 -0.14 -4.02 24.98
C GLU B 181 -0.59 -3.09 23.76
N LEU B 182 -0.68 -1.78 24.00
CA LEU B 182 -1.14 -0.84 22.97
C LEU B 182 0.03 -0.48 22.06
N THR B 183 -0.32 -0.18 20.82
CA THR B 183 0.60 0.30 19.82
C THR B 183 -0.04 1.59 19.36
N TYR B 184 0.76 2.51 18.85
CA TYR B 184 0.26 3.76 18.42
C TYR B 184 0.70 4.03 17.04
N GLU B 185 -0.04 4.93 16.40
CA GLU B 185 0.30 5.47 15.11
C GLU B 185 0.15 6.95 15.24
N LYS B 186 1.11 7.67 14.68
CA LYS B 186 1.03 9.11 14.67
C LYS B 186 0.27 9.62 13.45
N LEU B 187 -0.58 10.57 13.75
CA LEU B 187 -1.41 11.09 12.75
C LEU B 187 -0.55 11.62 11.65
N ASN B 188 -0.89 11.34 10.39
CA ASN B 188 -0.24 11.97 9.21
C ASN B 188 -0.71 13.42 9.06
N HIS B 189 -1.80 13.77 9.71
CA HIS B 189 -2.35 15.13 9.72
C HIS B 189 -3.35 15.34 10.86
N ASP B 190 -3.55 16.56 11.25
CA ASP B 190 -4.47 16.83 12.31
C ASP B 190 -5.76 17.37 11.75
N LEU B 191 -6.43 16.51 11.02
CA LEU B 191 -7.70 16.90 10.51
C LEU B 191 -8.67 15.87 11.03
N PHE B 192 -8.69 14.73 10.35
CA PHE B 192 -9.38 13.57 10.82
C PHE B 192 -8.39 13.00 11.77
N TRP B 193 -8.70 11.81 12.29
CA TRP B 193 -7.69 11.04 12.97
C TRP B 193 -7.04 10.15 11.92
N GLN B 194 -6.30 10.75 11.01
CA GLN B 194 -5.76 10.03 9.91
C GLN B 194 -4.35 9.61 10.21
N VAL B 195 -4.02 8.39 9.78
CA VAL B 195 -2.70 7.82 9.90
C VAL B 195 -2.26 7.04 8.63
N ASP B 196 -0.96 7.02 8.39
CA ASP B 196 -0.36 6.28 7.31
C ASP B 196 -0.24 4.79 7.71
N LEU B 197 -0.75 3.93 6.82
CA LEU B 197 -0.75 2.49 6.94
C LEU B 197 -0.75 1.81 5.59
N ASP B 198 -0.08 0.66 5.52
CA ASP B 198 -0.04 -0.19 4.34
C ASP B 198 -1.07 -1.24 4.51
N VAL B 199 -1.84 -1.49 3.46
CA VAL B 199 -3.11 -2.11 3.60
C VAL B 199 -3.23 -3.27 2.63
N ASN B 200 -3.59 -4.44 3.13
CA ASN B 200 -3.92 -5.53 2.21
C ASN B 200 -5.34 -5.94 2.48
N PHE B 201 -6.04 -6.12 1.40
CA PHE B 201 -7.28 -6.76 1.53
C PHE B 201 -7.01 -8.09 0.96
N GLY B 202 -6.66 -9.01 1.85
CA GLY B 202 -6.35 -10.37 1.48
C GLY B 202 -5.24 -10.32 0.46
N LYS B 203 -5.60 -10.55 -0.81
CA LYS B 203 -4.65 -10.65 -1.92
C LYS B 203 -4.26 -9.31 -2.54
N THR B 204 -5.30 -8.57 -2.92
CA THR B 204 -5.13 -7.26 -3.53
C THR B 204 -4.74 -6.18 -2.52
N SER B 205 -3.70 -5.41 -2.83
CA SER B 205 -3.16 -4.44 -1.89
C SER B 205 -2.75 -3.05 -2.39
N MET B 206 -2.57 -2.14 -1.45
CA MET B 206 -2.23 -0.79 -1.75
C MET B 206 -1.30 -0.37 -0.66
N GLU B 207 -0.20 0.22 -1.04
CA GLU B 207 0.77 0.68 -0.08
C GLU B 207 0.66 2.18 0.24
N LYS B 208 0.84 2.47 1.53
CA LYS B 208 0.99 3.82 2.08
C LYS B 208 -0.32 4.58 1.95
N ALA B 209 -1.42 3.88 2.21
CA ALA B 209 -2.72 4.51 2.15
C ALA B 209 -2.91 5.47 3.36
N ASN B 210 -3.99 6.23 3.28
CA ASN B 210 -4.42 7.17 4.27
C ASN B 210 -5.67 6.63 4.89
N VAL B 211 -5.59 6.28 6.14
CA VAL B 211 -6.65 5.61 6.75
C VAL B 211 -7.12 6.42 7.90
N ILE B 212 -8.40 6.25 8.19
CA ILE B 212 -9.01 7.04 9.20
C ILE B 212 -10.18 6.35 9.86
N VAL B 213 -10.41 6.84 11.05
CA VAL B 213 -10.92 6.02 12.05
C VAL B 213 -12.15 6.77 12.40
N ASP B 214 -13.29 6.21 12.05
CA ASP B 214 -14.53 6.96 12.03
C ASP B 214 -15.57 6.33 12.94
N SER B 215 -15.64 6.80 14.17
CA SER B 215 -16.61 6.25 15.08
C SER B 215 -18.02 6.40 14.58
N GLY B 216 -18.23 7.34 13.66
CA GLY B 216 -19.58 7.68 13.19
C GLY B 216 -20.23 6.70 12.24
N THR B 217 -19.48 6.18 11.28
CA THR B 217 -19.99 5.23 10.28
C THR B 217 -19.94 3.81 10.73
N SER B 218 -20.76 2.98 10.14
CA SER B 218 -20.76 1.58 10.42
C SER B 218 -20.17 0.76 9.29
N THR B 219 -19.30 1.35 8.51
CA THR B 219 -18.76 0.60 7.40
C THR B 219 -17.28 0.84 7.29
N ILE B 220 -16.71 0.14 6.32
CA ILE B 220 -15.30 0.19 6.03
C ILE B 220 -15.31 0.50 4.58
N THR B 221 -14.44 1.37 4.16
CA THR B 221 -14.47 1.78 2.78
C THR B 221 -13.08 1.87 2.17
N ALA B 222 -13.05 1.97 0.86
CA ALA B 222 -11.80 2.10 0.14
C ALA B 222 -12.09 2.47 -1.30
N PRO B 223 -11.09 3.04 -1.96
CA PRO B 223 -11.23 3.43 -3.36
C PRO B 223 -11.81 2.33 -4.17
N THR B 224 -12.74 2.70 -5.04
CA THR B 224 -13.51 1.71 -5.79
C THR B 224 -12.61 0.73 -6.59
N SER B 225 -11.71 1.33 -7.35
CA SER B 225 -10.65 0.61 -7.99
C SER B 225 -10.12 -0.52 -7.11
N PHE B 226 -9.59 -0.15 -5.96
CA PHE B 226 -9.06 -1.12 -4.99
C PHE B 226 -10.06 -2.22 -4.68
N ILE B 227 -11.34 -1.88 -4.64
CA ILE B 227 -12.33 -2.87 -4.32
C ILE B 227 -12.46 -3.77 -5.49
N ASN B 228 -12.95 -3.26 -6.59
CA ASN B 228 -13.17 -4.12 -7.75
C ASN B 228 -12.28 -5.34 -7.82
N LYS B 229 -10.99 -5.09 -7.71
CA LYS B 229 -10.02 -6.16 -7.74
C LYS B 229 -10.32 -7.24 -6.70
N PHE B 230 -10.61 -6.76 -5.48
CA PHE B 230 -10.99 -7.56 -4.29
C PHE B 230 -12.35 -8.25 -4.46
N PHE B 231 -13.39 -7.49 -4.64
CA PHE B 231 -14.66 -8.10 -4.73
C PHE B 231 -14.66 -9.21 -5.73
N LYS B 232 -14.30 -8.88 -6.97
CA LYS B 232 -14.21 -9.89 -8.04
C LYS B 232 -13.49 -11.15 -7.59
N ASP B 233 -12.43 -11.01 -6.78
CA ASP B 233 -11.66 -12.17 -6.22
C ASP B 233 -12.63 -13.19 -5.61
N LEU B 234 -13.41 -12.75 -4.62
CA LEU B 234 -14.35 -13.63 -3.89
C LEU B 234 -15.79 -13.48 -4.37
N ASN B 235 -15.93 -13.16 -5.64
CA ASN B 235 -17.21 -13.21 -6.33
C ASN B 235 -18.45 -12.78 -5.54
N VAL B 236 -18.55 -11.47 -5.29
CA VAL B 236 -19.62 -10.88 -4.48
C VAL B 236 -20.79 -10.48 -5.30
N ILE B 237 -21.95 -10.30 -4.69
CA ILE B 237 -23.17 -10.02 -5.46
C ILE B 237 -23.85 -8.72 -5.12
N LYS B 238 -23.80 -7.75 -5.99
CA LYS B 238 -24.39 -6.46 -5.69
C LYS B 238 -25.79 -6.30 -6.26
N VAL B 239 -26.78 -6.51 -5.42
CA VAL B 239 -28.15 -6.48 -5.90
C VAL B 239 -28.42 -5.01 -5.97
N PRO B 240 -28.85 -4.52 -7.12
CA PRO B 240 -29.16 -3.08 -7.27
C PRO B 240 -29.81 -2.53 -6.00
N PHE B 241 -31.14 -2.59 -5.93
CA PHE B 241 -31.89 -1.94 -4.85
C PHE B 241 -31.25 -2.00 -3.47
N LEU B 242 -30.74 -3.14 -3.08
CA LEU B 242 -30.10 -3.16 -1.77
C LEU B 242 -28.66 -2.59 -1.86
N PRO B 243 -28.33 -1.71 -0.92
CA PRO B 243 -27.03 -0.96 -0.91
C PRO B 243 -25.83 -1.68 -0.28
N PHE B 244 -25.84 -3.01 -0.22
CA PHE B 244 -24.72 -3.79 0.35
C PHE B 244 -24.40 -5.05 -0.51
N TYR B 245 -23.18 -5.48 -0.44
CA TYR B 245 -22.76 -6.56 -1.29
C TYR B 245 -22.98 -7.80 -0.47
N ILE B 246 -23.55 -8.84 -1.04
CA ILE B 246 -23.88 -9.99 -0.24
C ILE B 246 -22.94 -11.03 -0.68
N THR B 247 -22.92 -12.18 0.01
CA THR B 247 -21.88 -13.21 -0.21
C THR B 247 -21.95 -14.30 0.83
N THR B 248 -21.36 -15.45 0.58
CA THR B 248 -21.51 -16.63 1.44
C THR B 248 -20.64 -16.45 2.61
N CYS B 249 -21.10 -16.79 3.79
CA CYS B 249 -20.34 -16.45 5.02
C CYS B 249 -19.23 -17.43 5.23
N ASN B 250 -19.63 -18.69 5.16
CA ASN B 250 -18.74 -19.91 5.25
C ASN B 250 -17.78 -20.06 4.04
N ASN B 251 -17.47 -18.94 3.39
CA ASN B 251 -16.70 -18.94 2.15
C ASN B 251 -15.39 -19.63 2.42
N LYS B 252 -15.36 -20.92 2.16
CA LYS B 252 -14.11 -21.66 2.08
C LYS B 252 -13.21 -20.64 1.43
N ASP B 253 -12.15 -20.27 2.11
CA ASP B 253 -11.16 -19.35 1.57
C ASP B 253 -11.67 -17.98 2.14
N MET B 254 -11.19 -17.61 3.33
CA MET B 254 -11.58 -16.31 3.91
C MET B 254 -10.43 -15.43 4.32
N PRO B 255 -10.30 -14.36 3.55
CA PRO B 255 -9.25 -13.40 3.71
C PRO B 255 -9.44 -12.51 4.87
N THR B 256 -8.33 -12.15 5.49
CA THR B 256 -8.37 -11.16 6.52
C THR B 256 -7.91 -9.80 5.98
N LEU B 257 -8.17 -8.76 6.73
CA LEU B 257 -7.80 -7.44 6.26
C LEU B 257 -6.61 -6.96 7.05
N GLU B 258 -5.54 -6.66 6.32
CA GLU B 258 -4.25 -6.25 6.90
C GLU B 258 -4.05 -4.74 6.92
N PHE B 259 -3.59 -4.24 8.04
CA PHE B 259 -3.27 -2.86 8.17
C PHE B 259 -1.90 -2.79 8.83
N LYS B 260 -0.91 -2.41 8.04
CA LYS B 260 0.48 -2.45 8.45
C LYS B 260 1.11 -1.07 8.77
N SER B 261 1.58 -0.98 10.01
CA SER B 261 2.42 0.09 10.46
C SER B 261 3.79 -0.34 10.05
N ALA B 262 4.73 0.59 10.17
CA ALA B 262 6.12 0.24 10.02
C ALA B 262 6.38 -1.08 10.85
N ASN B 263 6.10 -1.04 12.16
CA ASN B 263 6.37 -2.18 13.03
C ASN B 263 5.18 -2.72 13.82
N ASN B 264 3.96 -2.38 13.39
CA ASN B 264 2.75 -2.94 13.98
C ASN B 264 1.99 -3.53 12.87
N THR B 265 1.06 -4.39 13.21
CA THR B 265 0.25 -4.99 12.17
C THR B 265 -1.12 -5.22 12.73
N TYR B 266 -2.14 -4.69 12.04
CA TYR B 266 -3.50 -4.74 12.52
C TYR B 266 -4.29 -5.56 11.56
N THR B 267 -5.04 -6.56 12.04
CA THR B 267 -5.77 -7.43 11.10
C THR B 267 -7.20 -7.51 11.48
N LEU B 268 -8.03 -7.81 10.49
CA LEU B 268 -9.46 -7.90 10.67
C LEU B 268 -9.88 -9.15 9.99
N GLU B 269 -10.33 -10.13 10.80
CA GLU B 269 -10.78 -11.43 10.33
C GLU B 269 -12.04 -11.28 9.45
N PRO B 270 -12.48 -12.33 8.78
CA PRO B 270 -13.70 -12.20 7.98
C PRO B 270 -14.97 -12.02 8.81
N GLU B 271 -14.94 -12.49 10.05
CA GLU B 271 -16.09 -12.36 10.90
C GLU B 271 -16.31 -10.95 11.39
N TYR B 272 -15.36 -10.04 11.26
CA TYR B 272 -15.53 -8.69 11.80
C TYR B 272 -16.04 -7.72 10.75
N TYR B 273 -16.33 -8.25 9.58
CA TYR B 273 -16.86 -7.47 8.48
C TYR B 273 -18.15 -7.98 7.89
N MET B 274 -18.62 -9.12 8.34
CA MET B 274 -19.68 -9.80 7.68
C MET B 274 -20.87 -10.00 8.59
N GLU B 275 -22.03 -10.14 8.01
CA GLU B 275 -23.21 -10.33 8.82
C GLU B 275 -24.16 -11.24 8.08
N PRO B 276 -24.54 -12.36 8.67
CA PRO B 276 -25.71 -13.04 8.15
C PRO B 276 -26.55 -11.99 7.44
N LEU B 277 -27.53 -12.39 6.66
CA LEU B 277 -28.34 -11.43 5.95
C LEU B 277 -29.61 -11.16 6.70
N LEU B 278 -29.96 -12.08 7.59
CA LEU B 278 -31.09 -12.99 7.35
C LEU B 278 -31.15 -14.09 8.40
N ASP B 279 -30.38 -13.90 9.44
CA ASP B 279 -30.99 -13.96 10.75
C ASP B 279 -31.74 -15.24 11.08
N ILE B 280 -31.59 -16.26 10.33
CA ILE B 280 -32.29 -17.53 10.49
C ILE B 280 -31.25 -18.56 10.06
N ASP B 281 -30.38 -18.14 9.15
CA ASP B 281 -29.46 -19.06 8.48
C ASP B 281 -28.23 -18.35 7.94
N ASP B 282 -27.07 -18.98 8.08
CA ASP B 282 -25.79 -18.29 7.93
C ASP B 282 -25.18 -18.58 6.57
N THR B 283 -26.03 -18.75 5.55
CA THR B 283 -25.56 -19.07 4.21
C THR B 283 -25.03 -17.83 3.50
N LEU B 284 -25.86 -16.79 3.44
CA LEU B 284 -25.47 -15.55 2.80
C LEU B 284 -25.14 -14.50 3.81
N CYS B 285 -24.26 -13.60 3.43
CA CYS B 285 -23.75 -12.62 4.33
C CYS B 285 -23.76 -11.29 3.65
N MET B 286 -23.84 -10.26 4.46
CA MET B 286 -23.77 -8.90 4.05
C MET B 286 -22.39 -8.42 4.47
N LEU B 287 -21.64 -7.82 3.56
CA LEU B 287 -20.32 -7.23 3.86
C LEU B 287 -20.36 -5.81 4.38
N TYR B 288 -19.43 -5.41 5.22
CA TYR B 288 -19.40 -4.01 5.66
C TYR B 288 -18.47 -3.09 4.87
N ILE B 289 -18.01 -3.58 3.73
CA ILE B 289 -17.11 -2.87 2.88
C ILE B 289 -17.84 -2.22 1.76
N LEU B 290 -17.47 -0.99 1.43
CA LEU B 290 -18.13 -0.23 0.37
C LEU B 290 -17.17 0.65 -0.34
N PRO B 291 -17.30 0.75 -1.65
CA PRO B 291 -16.43 1.62 -2.39
C PRO B 291 -16.86 3.05 -2.33
N VAL B 292 -15.94 3.89 -1.84
CA VAL B 292 -16.12 5.32 -1.75
C VAL B 292 -14.83 5.97 -2.24
N ASP B 293 -15.00 7.08 -2.97
CA ASP B 293 -13.88 7.78 -3.59
C ASP B 293 -13.52 9.12 -3.01
N ILE B 294 -13.03 9.13 -1.78
CA ILE B 294 -12.60 10.35 -1.14
C ILE B 294 -11.40 10.93 -1.86
N ASP B 295 -10.36 10.21 -1.72
CA ASP B 295 -9.16 10.44 -2.36
C ASP B 295 -8.89 9.17 -3.06
N LYS B 296 -7.64 8.98 -3.33
CA LYS B 296 -7.16 7.92 -4.18
C LYS B 296 -6.37 6.95 -3.30
N ASN B 297 -6.24 7.32 -2.05
CA ASN B 297 -5.46 6.58 -1.11
C ASN B 297 -6.07 6.70 0.27
N THR B 298 -7.39 6.92 0.33
CA THR B 298 -8.07 7.19 1.58
C THR B 298 -9.08 6.15 1.83
N PHE B 299 -8.92 5.56 3.00
CA PHE B 299 -9.79 4.54 3.56
C PHE B 299 -10.47 5.05 4.82
N ILE B 300 -11.44 4.29 5.31
CA ILE B 300 -12.18 4.68 6.49
C ILE B 300 -12.49 3.48 7.33
N LEU B 301 -12.14 3.53 8.62
CA LEU B 301 -12.41 2.43 9.52
C LEU B 301 -13.43 2.76 10.58
N GLY B 302 -14.62 2.18 10.44
CA GLY B 302 -15.74 2.41 11.33
C GLY B 302 -15.90 1.25 12.27
N ASP B 303 -17.03 1.22 12.95
CA ASP B 303 -17.30 0.25 13.98
C ASP B 303 -16.58 -1.06 13.84
N PRO B 304 -16.65 -1.65 12.65
CA PRO B 304 -16.10 -2.98 12.41
C PRO B 304 -14.72 -3.21 12.96
N PHE B 305 -13.85 -2.25 12.80
CA PHE B 305 -12.54 -2.27 13.45
C PHE B 305 -12.69 -2.18 14.96
N MET B 306 -13.26 -1.08 15.44
CA MET B 306 -13.37 -0.75 16.85
C MET B 306 -14.11 -1.79 17.65
N ARG B 307 -14.99 -2.53 16.99
CA ARG B 307 -15.55 -3.72 17.59
C ARG B 307 -14.40 -4.62 18.06
N LYS B 308 -13.35 -4.74 17.27
CA LYS B 308 -12.24 -5.61 17.63
C LYS B 308 -11.16 -4.86 18.41
N TYR B 309 -10.82 -3.64 18.01
CA TYR B 309 -9.75 -2.93 18.67
C TYR B 309 -10.23 -1.76 19.44
N PHE B 310 -9.98 -1.85 20.75
CA PHE B 310 -10.14 -0.72 21.66
C PHE B 310 -9.20 0.30 21.11
N THR B 311 -9.74 1.46 20.77
CA THR B 311 -8.94 2.48 20.18
C THR B 311 -8.85 3.67 21.06
N VAL B 312 -7.67 4.29 20.99
CA VAL B 312 -7.32 5.46 21.80
C VAL B 312 -6.89 6.63 20.98
N PHE B 313 -7.46 7.80 21.25
CA PHE B 313 -7.18 9.03 20.51
C PHE B 313 -6.55 10.02 21.41
N ASP B 314 -5.33 10.44 21.11
CA ASP B 314 -4.64 11.36 22.00
C ASP B 314 -4.33 12.69 21.38
N TYR B 315 -5.08 13.73 21.72
CA TYR B 315 -4.85 15.02 21.12
C TYR B 315 -3.41 15.48 21.24
N ASP B 316 -2.95 15.76 22.47
CA ASP B 316 -1.54 16.17 22.76
C ASP B 316 -0.53 15.22 22.15
N LYS B 317 -0.66 13.95 22.45
CA LYS B 317 0.24 12.98 21.88
C LYS B 317 0.18 12.99 20.34
N GLU B 318 -0.76 13.76 19.79
CA GLU B 318 -0.97 13.88 18.35
C GLU B 318 -0.89 12.52 17.67
N SER B 319 -1.56 11.56 18.29
CA SER B 319 -1.56 10.20 17.79
C SER B 319 -2.74 9.37 18.31
N ILE B 320 -2.83 8.17 17.75
CA ILE B 320 -3.86 7.24 18.11
C ILE B 320 -3.32 5.86 18.43
N GLY B 321 -3.83 5.37 19.55
CA GLY B 321 -3.48 4.08 20.10
C GLY B 321 -4.46 3.01 19.67
N PHE B 322 -3.89 1.83 19.48
CA PHE B 322 -4.60 0.68 19.11
C PHE B 322 -4.30 -0.43 20.09
N ALA B 323 -5.32 -1.27 20.32
CA ALA B 323 -5.13 -2.50 21.08
C ALA B 323 -6.46 -3.26 21.09
N VAL B 324 -6.31 -4.59 21.24
CA VAL B 324 -7.42 -5.57 21.21
C VAL B 324 -8.31 -5.41 22.40
N ALA B 325 -9.61 -5.43 22.20
CA ALA B 325 -10.49 -5.06 23.30
C ALA B 325 -10.89 -6.30 24.05
N LYS B 326 -11.33 -6.10 25.29
CA LYS B 326 -11.87 -7.18 26.13
C LYS B 326 -13.16 -7.68 25.53
N ASN B 327 -13.06 -8.81 24.80
CA ASN B 327 -14.21 -9.51 24.12
C ASN B 327 -14.94 -8.73 23.01
#